data_1BZU
# 
_entry.id   1BZU 
# 
_audit_conform.dict_name       mmcif_pdbx.dic 
_audit_conform.dict_version    5.392 
_audit_conform.dict_location   http://mmcif.pdb.org/dictionaries/ascii/mmcif_pdbx.dic 
# 
loop_
_database_2.database_id 
_database_2.database_code 
_database_2.pdbx_database_accession 
_database_2.pdbx_DOI 
PDB   1BZU         pdb_00001bzu 10.2210/pdb1bzu/pdb 
WWPDB D_1000172161 ?            ?                   
# 
loop_
_pdbx_audit_revision_history.ordinal 
_pdbx_audit_revision_history.data_content_type 
_pdbx_audit_revision_history.major_revision 
_pdbx_audit_revision_history.minor_revision 
_pdbx_audit_revision_history.revision_date 
1 'Structure model' 1 0 1999-04-27 
2 'Structure model' 1 1 2008-03-24 
3 'Structure model' 1 2 2011-07-13 
4 'Structure model' 1 3 2022-02-16 
5 'Structure model' 1 4 2024-05-22 
# 
_pdbx_audit_revision_details.ordinal             1 
_pdbx_audit_revision_details.revision_ordinal    1 
_pdbx_audit_revision_details.data_content_type   'Structure model' 
_pdbx_audit_revision_details.provider            repository 
_pdbx_audit_revision_details.type                'Initial release' 
_pdbx_audit_revision_details.description         ? 
_pdbx_audit_revision_details.details             ? 
# 
loop_
_pdbx_audit_revision_group.ordinal 
_pdbx_audit_revision_group.revision_ordinal 
_pdbx_audit_revision_group.data_content_type 
_pdbx_audit_revision_group.group 
1 2 'Structure model' 'Version format compliance' 
2 3 'Structure model' 'Version format compliance' 
3 4 'Structure model' 'Data collection'           
4 4 'Structure model' 'Database references'       
5 4 'Structure model' 'Derived calculations'      
6 4 'Structure model' Other                       
7 5 'Structure model' 'Data collection'           
# 
loop_
_pdbx_audit_revision_category.ordinal 
_pdbx_audit_revision_category.revision_ordinal 
_pdbx_audit_revision_category.data_content_type 
_pdbx_audit_revision_category.category 
1 4 'Structure model' database_2            
2 4 'Structure model' pdbx_database_status  
3 4 'Structure model' pdbx_nmr_software     
4 4 'Structure model' pdbx_struct_assembly  
5 4 'Structure model' pdbx_struct_oper_list 
6 4 'Structure model' struct_conn           
7 5 'Structure model' chem_comp_atom        
8 5 'Structure model' chem_comp_bond        
# 
loop_
_pdbx_audit_revision_item.ordinal 
_pdbx_audit_revision_item.revision_ordinal 
_pdbx_audit_revision_item.data_content_type 
_pdbx_audit_revision_item.item 
1  4 'Structure model' '_database_2.pdbx_DOI'                
2  4 'Structure model' '_database_2.pdbx_database_accession' 
3  4 'Structure model' '_pdbx_database_status.process_site'  
4  4 'Structure model' '_pdbx_nmr_software.name'             
5  4 'Structure model' '_struct_conn.pdbx_dist_value'        
6  4 'Structure model' '_struct_conn.pdbx_leaving_atom_flag' 
7  4 'Structure model' '_struct_conn.ptnr1_auth_comp_id'     
8  4 'Structure model' '_struct_conn.ptnr1_auth_seq_id'      
9  4 'Structure model' '_struct_conn.ptnr1_label_atom_id'    
10 4 'Structure model' '_struct_conn.ptnr1_label_comp_id'    
11 4 'Structure model' '_struct_conn.ptnr1_label_seq_id'     
12 4 'Structure model' '_struct_conn.ptnr2_auth_comp_id'     
13 4 'Structure model' '_struct_conn.ptnr2_auth_seq_id'      
14 4 'Structure model' '_struct_conn.ptnr2_label_atom_id'    
15 4 'Structure model' '_struct_conn.ptnr2_label_comp_id'    
16 4 'Structure model' '_struct_conn.ptnr2_label_seq_id'     
# 
_pdbx_database_status.status_code                     REL 
_pdbx_database_status.entry_id                        1BZU 
_pdbx_database_status.recvd_initial_deposition_date   1998-11-05 
_pdbx_database_status.deposit_site                    ? 
_pdbx_database_status.process_site                    BNL 
_pdbx_database_status.status_code_sf                  ? 
_pdbx_database_status.status_code_mr                  REL 
_pdbx_database_status.SG_entry                        ? 
_pdbx_database_status.pdb_format_compatible           Y 
_pdbx_database_status.status_code_cs                  ? 
_pdbx_database_status.status_code_nmr_data            ? 
_pdbx_database_status.methods_development_category    ? 
# 
loop_
_audit_author.name 
_audit_author.pdbx_ordinal 
'Durant, P.C.' 1 
'Davis, D.R.'  2 
# 
_citation.id                        primary 
_citation.title                     
'Stabilization of the anticodon stem-loop of tRNALys,3 by an A+-C base-pair and by pseudouridine.' 
_citation.journal_abbrev            J.Mol.Biol. 
_citation.journal_volume            285 
_citation.page_first                115 
_citation.page_last                 131 
_citation.year                      1999 
_citation.journal_id_ASTM           JMOBAK 
_citation.country                   UK 
_citation.journal_id_ISSN           0022-2836 
_citation.journal_id_CSD            0070 
_citation.book_publisher            ? 
_citation.pdbx_database_id_PubMed   9878393 
_citation.pdbx_database_id_DOI      10.1006/jmbi.1998.2297 
# 
loop_
_citation_author.citation_id 
_citation_author.name 
_citation_author.ordinal 
_citation_author.identifier_ORCID 
primary 'Durant, P.C.' 1 ? 
primary 'Davis, D.R.'  2 ? 
# 
_entity.id                         1 
_entity.type                       polymer 
_entity.src_method                 syn 
_entity.pdbx_description           TRNA 
_entity.formula_weight             5350.189 
_entity.pdbx_number_of_molecules   1 
_entity.pdbx_ec                    ? 
_entity.pdbx_mutation              ? 
_entity.pdbx_fragment              'ANTICODON (RESIDUES 27-43)' 
_entity.details                    ? 
# 
_entity_poly.entity_id                      1 
_entity_poly.type                           polyribonucleotide 
_entity_poly.nstd_linkage                   no 
_entity_poly.nstd_monomer                   yes 
_entity_poly.pdbx_seq_one_letter_code       'UCAGACUUUUAA(PSU)CUGA' 
_entity_poly.pdbx_seq_one_letter_code_can   UCAGACUUUUAAUCUGA 
_entity_poly.pdbx_strand_id                 A 
_entity_poly.pdbx_target_identifier         ? 
# 
loop_
_entity_poly_seq.entity_id 
_entity_poly_seq.num 
_entity_poly_seq.mon_id 
_entity_poly_seq.hetero 
1 1  U   n 
1 2  C   n 
1 3  A   n 
1 4  G   n 
1 5  A   n 
1 6  C   n 
1 7  U   n 
1 8  U   n 
1 9  U   n 
1 10 U   n 
1 11 A   n 
1 12 A   n 
1 13 PSU n 
1 14 C   n 
1 15 U   n 
1 16 G   n 
1 17 A   n 
# 
loop_
_chem_comp.id 
_chem_comp.type 
_chem_comp.mon_nstd_flag 
_chem_comp.name 
_chem_comp.pdbx_synonyms 
_chem_comp.formula 
_chem_comp.formula_weight 
A   'RNA linking' y "ADENOSINE-5'-MONOPHOSPHATE"     ? 'C10 H14 N5 O7 P' 347.221 
C   'RNA linking' y "CYTIDINE-5'-MONOPHOSPHATE"      ? 'C9 H14 N3 O8 P'  323.197 
G   'RNA linking' y "GUANOSINE-5'-MONOPHOSPHATE"     ? 'C10 H14 N5 O8 P' 363.221 
PSU 'RNA linking' n "PSEUDOURIDINE-5'-MONOPHOSPHATE" ? 'C9 H13 N2 O9 P'  324.181 
U   'RNA linking' y "URIDINE-5'-MONOPHOSPHATE"       ? 'C9 H13 N2 O9 P'  324.181 
# 
loop_
_pdbx_poly_seq_scheme.asym_id 
_pdbx_poly_seq_scheme.entity_id 
_pdbx_poly_seq_scheme.seq_id 
_pdbx_poly_seq_scheme.mon_id 
_pdbx_poly_seq_scheme.ndb_seq_num 
_pdbx_poly_seq_scheme.pdb_seq_num 
_pdbx_poly_seq_scheme.auth_seq_num 
_pdbx_poly_seq_scheme.pdb_mon_id 
_pdbx_poly_seq_scheme.auth_mon_id 
_pdbx_poly_seq_scheme.pdb_strand_id 
_pdbx_poly_seq_scheme.pdb_ins_code 
_pdbx_poly_seq_scheme.hetero 
A 1 1  U   1  27 27 U   U   A . n 
A 1 2  C   2  28 28 C   C   A . n 
A 1 3  A   3  29 29 A   A   A . n 
A 1 4  G   4  30 30 G   G   A . n 
A 1 5  A   5  31 31 A   A   A . n 
A 1 6  C   6  32 32 C   C   A . n 
A 1 7  U   7  33 33 U   U   A . n 
A 1 8  U   8  34 34 U   U   A . n 
A 1 9  U   9  35 35 U   U   A . n 
A 1 10 U   10 36 36 U   U   A . n 
A 1 11 A   11 37 37 A   A   A . n 
A 1 12 A   12 38 38 A   A   A . n 
A 1 13 PSU 13 39 39 PSU PSU A . n 
A 1 14 C   14 40 40 C   C   A . n 
A 1 15 U   15 41 41 U   U   A . n 
A 1 16 G   16 42 42 G   G   A . n 
A 1 17 A   17 43 43 A   A   A . n 
# 
loop_
_software.name 
_software.classification 
_software.version 
_software.citation_id 
_software.pdbx_ordinal 
VNMR  'model building' . ? 1 
AMBER refinement       . ? 2 
VNMR  phasing          . ? 3 
# 
_cell.entry_id           1BZU 
_cell.length_a           1.000 
_cell.length_b           1.000 
_cell.length_c           1.000 
_cell.angle_alpha        90.00 
_cell.angle_beta         90.00 
_cell.angle_gamma        90.00 
_cell.Z_PDB              1 
_cell.pdbx_unique_axis   ? 
# 
_symmetry.entry_id                         1BZU 
_symmetry.space_group_name_H-M             'P 1' 
_symmetry.pdbx_full_space_group_name_H-M   ? 
_symmetry.cell_setting                     ? 
_symmetry.Int_Tables_number                1 
# 
_exptl.entry_id          1BZU 
_exptl.method            'SOLUTION NMR' 
_exptl.crystals_number   ? 
# 
_struct.entry_id                  1BZU 
_struct.title                     
'STABILIZATION OF THE ANTICODON STEM-LOOP OF TRNALYS, 3 BY AN A+C BASE PAIR AND BY PSEUDOURIDINE, NMR, 1 STRUCTURE' 
_struct.pdbx_model_details        ? 
_struct.pdbx_CASP_flag            ? 
_struct.pdbx_model_type_details   ? 
# 
_struct_keywords.entry_id        1BZU 
_struct_keywords.pdbx_keywords   RNA 
_struct_keywords.text            'TRNA, PSEUDOURIDINE, ANTICODON, RNA' 
# 
_struct_asym.id                            A 
_struct_asym.pdbx_blank_PDB_chainid_flag   N 
_struct_asym.pdbx_modified                 N 
_struct_asym.entity_id                     1 
_struct_asym.details                       ? 
# 
_struct_ref.id                         1 
_struct_ref.entity_id                  1 
_struct_ref.db_name                    PDB 
_struct_ref.db_code                    1BZU 
_struct_ref.pdbx_db_accession          1BZU 
_struct_ref.pdbx_db_isoform            ? 
_struct_ref.pdbx_seq_one_letter_code   ? 
_struct_ref.pdbx_align_begin           ? 
# 
_struct_ref_seq.align_id                      1 
_struct_ref_seq.ref_id                        1 
_struct_ref_seq.pdbx_PDB_id_code              1BZU 
_struct_ref_seq.pdbx_strand_id                A 
_struct_ref_seq.seq_align_beg                 1 
_struct_ref_seq.pdbx_seq_align_beg_ins_code   ? 
_struct_ref_seq.seq_align_end                 17 
_struct_ref_seq.pdbx_seq_align_end_ins_code   ? 
_struct_ref_seq.pdbx_db_accession             1BZU 
_struct_ref_seq.db_align_beg                  27 
_struct_ref_seq.pdbx_db_align_beg_ins_code    ? 
_struct_ref_seq.db_align_end                  43 
_struct_ref_seq.pdbx_db_align_end_ins_code    ? 
_struct_ref_seq.pdbx_auth_seq_align_beg       27 
_struct_ref_seq.pdbx_auth_seq_align_end       43 
# 
_pdbx_struct_assembly.id                   1 
_pdbx_struct_assembly.details              author_defined_assembly 
_pdbx_struct_assembly.method_details       ? 
_pdbx_struct_assembly.oligomeric_details   monomeric 
_pdbx_struct_assembly.oligomeric_count     1 
# 
_pdbx_struct_assembly_gen.assembly_id       1 
_pdbx_struct_assembly_gen.oper_expression   1 
_pdbx_struct_assembly_gen.asym_id_list      A 
# 
_pdbx_struct_oper_list.id                   1 
_pdbx_struct_oper_list.type                 'identity operation' 
_pdbx_struct_oper_list.name                 1_555 
_pdbx_struct_oper_list.symmetry_operation   x,y,z 
_pdbx_struct_oper_list.matrix[1][1]         1.0000000000 
_pdbx_struct_oper_list.matrix[1][2]         0.0000000000 
_pdbx_struct_oper_list.matrix[1][3]         0.0000000000 
_pdbx_struct_oper_list.vector[1]            0.0000000000 
_pdbx_struct_oper_list.matrix[2][1]         0.0000000000 
_pdbx_struct_oper_list.matrix[2][2]         1.0000000000 
_pdbx_struct_oper_list.matrix[2][3]         0.0000000000 
_pdbx_struct_oper_list.vector[2]            0.0000000000 
_pdbx_struct_oper_list.matrix[3][1]         0.0000000000 
_pdbx_struct_oper_list.matrix[3][2]         0.0000000000 
_pdbx_struct_oper_list.matrix[3][3]         1.0000000000 
_pdbx_struct_oper_list.vector[3]            0.0000000000 
# 
_struct_biol.id   1 
# 
loop_
_struct_conn.id 
_struct_conn.conn_type_id 
_struct_conn.pdbx_leaving_atom_flag 
_struct_conn.pdbx_PDB_id 
_struct_conn.ptnr1_label_asym_id 
_struct_conn.ptnr1_label_comp_id 
_struct_conn.ptnr1_label_seq_id 
_struct_conn.ptnr1_label_atom_id 
_struct_conn.pdbx_ptnr1_label_alt_id 
_struct_conn.pdbx_ptnr1_PDB_ins_code 
_struct_conn.pdbx_ptnr1_standard_comp_id 
_struct_conn.ptnr1_symmetry 
_struct_conn.ptnr2_label_asym_id 
_struct_conn.ptnr2_label_comp_id 
_struct_conn.ptnr2_label_seq_id 
_struct_conn.ptnr2_label_atom_id 
_struct_conn.pdbx_ptnr2_label_alt_id 
_struct_conn.pdbx_ptnr2_PDB_ins_code 
_struct_conn.ptnr1_auth_asym_id 
_struct_conn.ptnr1_auth_comp_id 
_struct_conn.ptnr1_auth_seq_id 
_struct_conn.ptnr2_auth_asym_id 
_struct_conn.ptnr2_auth_comp_id 
_struct_conn.ptnr2_auth_seq_id 
_struct_conn.ptnr2_symmetry 
_struct_conn.pdbx_ptnr3_label_atom_id 
_struct_conn.pdbx_ptnr3_label_seq_id 
_struct_conn.pdbx_ptnr3_label_comp_id 
_struct_conn.pdbx_ptnr3_label_asym_id 
_struct_conn.pdbx_ptnr3_label_alt_id 
_struct_conn.pdbx_ptnr3_PDB_ins_code 
_struct_conn.details 
_struct_conn.pdbx_dist_value 
_struct_conn.pdbx_value_order 
_struct_conn.pdbx_role 
covale1  covale both ? A A   12 "O3'" ? ? ? 1_555 A PSU 13 P  ? ? A A   38 A PSU 39 1_555 ? ? ? ? ? ? ?                       
1.621 ? ? 
covale2  covale both ? A PSU 13 "O3'" ? ? ? 1_555 A C   14 P  ? ? A PSU 39 A C   40 1_555 ? ? ? ? ? ? ?                       
1.615 ? ? 
hydrog1  hydrog ?    ? A U   1  N3    ? ? ? 1_555 A A   17 N1 ? ? A U   27 A A   43 1_555 ? ? ? ? ? ? WATSON-CRICK            ? ? 
? 
hydrog2  hydrog ?    ? A U   1  O4    ? ? ? 1_555 A A   17 N6 ? ? A U   27 A A   43 1_555 ? ? ? ? ? ? WATSON-CRICK            ? ? 
? 
hydrog3  hydrog ?    ? A C   2  N3    ? ? ? 1_555 A G   16 N1 ? ? A C   28 A G   42 1_555 ? ? ? ? ? ? WATSON-CRICK            ? ? 
? 
hydrog4  hydrog ?    ? A C   2  N4    ? ? ? 1_555 A G   16 O6 ? ? A C   28 A G   42 1_555 ? ? ? ? ? ? WATSON-CRICK            ? ? 
? 
hydrog5  hydrog ?    ? A C   2  O2    ? ? ? 1_555 A G   16 N2 ? ? A C   28 A G   42 1_555 ? ? ? ? ? ? WATSON-CRICK            ? ? 
? 
hydrog6  hydrog ?    ? A A   3  N1    ? ? ? 1_555 A U   15 N3 ? ? A A   29 A U   41 1_555 ? ? ? ? ? ? WATSON-CRICK            ? ? 
? 
hydrog7  hydrog ?    ? A A   3  N6    ? ? ? 1_555 A U   15 O4 ? ? A A   29 A U   41 1_555 ? ? ? ? ? ? WATSON-CRICK            ? ? 
? 
hydrog8  hydrog ?    ? A G   4  N1    ? ? ? 1_555 A C   14 N3 ? ? A G   30 A C   40 1_555 ? ? ? ? ? ? WATSON-CRICK            ? ? 
? 
hydrog9  hydrog ?    ? A G   4  N2    ? ? ? 1_555 A C   14 O2 ? ? A G   30 A C   40 1_555 ? ? ? ? ? ? WATSON-CRICK            ? ? 
? 
hydrog10 hydrog ?    ? A G   4  O6    ? ? ? 1_555 A C   14 N4 ? ? A G   30 A C   40 1_555 ? ? ? ? ? ? WATSON-CRICK            ? ? 
? 
hydrog11 hydrog ?    ? A A   5  N1    ? ? ? 1_555 A PSU 13 N3 ? ? A A   31 A PSU 39 1_555 ? ? ? ? ? ? 'REVERSED WATSON-CRICK' ? ? 
? 
hydrog12 hydrog ?    ? A A   5  N6    ? ? ? 1_555 A PSU 13 O2 ? ? A A   31 A PSU 39 1_555 ? ? ? ? ? ? 'REVERSED WATSON-CRICK' ? ? 
? 
hydrog13 hydrog ?    ? A C   6  O2    ? ? ? 1_555 A A   12 N6 ? ? A C   32 A A   38 1_555 ? ? ? ? ? ? 'C-A MISPAIR'           ? ? 
? 
# 
loop_
_struct_conn_type.id 
_struct_conn_type.criteria 
_struct_conn_type.reference 
covale ? ? 
hydrog ? ? 
# 
loop_
_pdbx_validate_rmsd_angle.id 
_pdbx_validate_rmsd_angle.PDB_model_num 
_pdbx_validate_rmsd_angle.auth_atom_id_1 
_pdbx_validate_rmsd_angle.auth_asym_id_1 
_pdbx_validate_rmsd_angle.auth_comp_id_1 
_pdbx_validate_rmsd_angle.auth_seq_id_1 
_pdbx_validate_rmsd_angle.PDB_ins_code_1 
_pdbx_validate_rmsd_angle.label_alt_id_1 
_pdbx_validate_rmsd_angle.auth_atom_id_2 
_pdbx_validate_rmsd_angle.auth_asym_id_2 
_pdbx_validate_rmsd_angle.auth_comp_id_2 
_pdbx_validate_rmsd_angle.auth_seq_id_2 
_pdbx_validate_rmsd_angle.PDB_ins_code_2 
_pdbx_validate_rmsd_angle.label_alt_id_2 
_pdbx_validate_rmsd_angle.auth_atom_id_3 
_pdbx_validate_rmsd_angle.auth_asym_id_3 
_pdbx_validate_rmsd_angle.auth_comp_id_3 
_pdbx_validate_rmsd_angle.auth_seq_id_3 
_pdbx_validate_rmsd_angle.PDB_ins_code_3 
_pdbx_validate_rmsd_angle.label_alt_id_3 
_pdbx_validate_rmsd_angle.angle_value 
_pdbx_validate_rmsd_angle.angle_target_value 
_pdbx_validate_rmsd_angle.angle_deviation 
_pdbx_validate_rmsd_angle.angle_standard_deviation 
_pdbx_validate_rmsd_angle.linker_flag 
1 1 "O4'" A C 28 ? ? "C1'" A C 28 ? ? N1    A C 28 ? ? 113.65 108.50 5.15 0.70 N 
2 1 "O4'" A A 31 ? ? "C1'" A A 31 ? ? N9    A A 31 ? ? 114.08 108.50 5.58 0.70 N 
3 1 "C3'" A A 37 ? ? "C2'" A A 37 ? ? "C1'" A A 37 ? ? 107.67 101.50 6.17 0.80 N 
4 1 "O4'" A A 37 ? ? "C1'" A A 37 ? ? N9    A A 37 ? ? 112.99 108.50 4.49 0.70 N 
5 1 "O4'" A C 40 ? ? "C1'" A C 40 ? ? N1    A C 40 ? ? 112.86 108.50 4.36 0.70 N 
6 1 "O4'" A U 41 ? ? "C1'" A U 41 ? ? N1    A U 41 ? ? 112.96 108.50 4.46 0.70 N 
# 
_pdbx_validate_planes.id              1 
_pdbx_validate_planes.PDB_model_num   1 
_pdbx_validate_planes.auth_comp_id    A 
_pdbx_validate_planes.auth_asym_id    A 
_pdbx_validate_planes.auth_seq_id     37 
_pdbx_validate_planes.PDB_ins_code    ? 
_pdbx_validate_planes.label_alt_id    ? 
_pdbx_validate_planes.rmsd            0.055 
_pdbx_validate_planes.type            'SIDE CHAIN' 
# 
_pdbx_struct_mod_residue.id               1 
_pdbx_struct_mod_residue.label_asym_id    A 
_pdbx_struct_mod_residue.label_comp_id    PSU 
_pdbx_struct_mod_residue.label_seq_id     13 
_pdbx_struct_mod_residue.auth_asym_id     A 
_pdbx_struct_mod_residue.auth_comp_id     PSU 
_pdbx_struct_mod_residue.auth_seq_id      39 
_pdbx_struct_mod_residue.PDB_ins_code     ? 
_pdbx_struct_mod_residue.parent_comp_id   U 
_pdbx_struct_mod_residue.details          "PSEUDOURIDINE-5'-MONOPHOSPHATE" 
# 
_pdbx_nmr_ensemble.entry_id                             1BZU 
_pdbx_nmr_ensemble.conformers_calculated_total_number   32 
_pdbx_nmr_ensemble.conformers_submitted_total_number    1 
_pdbx_nmr_ensemble.conformer_selection_criteria         'LEAST RESTRAINT VIOLATION' 
# 
_pdbx_nmr_sample_details.solution_id   1 
_pdbx_nmr_sample_details.contents      H2O/D2O 
# 
_pdbx_nmr_exptl_sample_conditions.conditions_id       1 
_pdbx_nmr_exptl_sample_conditions.temperature         303 
_pdbx_nmr_exptl_sample_conditions.pressure            ? 
_pdbx_nmr_exptl_sample_conditions.pH                  7 
_pdbx_nmr_exptl_sample_conditions.ionic_strength      '100 mM NACL' 
_pdbx_nmr_exptl_sample_conditions.pressure_units      . 
_pdbx_nmr_exptl_sample_conditions.temperature_units   K 
# 
loop_
_pdbx_nmr_exptl.experiment_id 
_pdbx_nmr_exptl.conditions_id 
_pdbx_nmr_exptl.type 
_pdbx_nmr_exptl.solution_id 
1 1 NOESY                       1 
2 1 ROESY                       1 
3 1 TOCSY                       1 
4 1 HMQC                        1 
5 1 '1H-31P COSY'               1 
6 1 '1H-31P HETERO-TOCSY-TOCSY' 1 
7 1 DQCOSY                      1 
# 
_pdbx_nmr_details.entry_id   1BZU 
_pdbx_nmr_details.text       
;LOWEST RMSD DIFFERENCE FROM AVERAGE STRUCTURE. STRUCTURE WAS DETERMINED USING RESTRAINTS FROM HOMONUCLEAR ROESY, DQCOSY AND NOESY DATA. ASSIGNMENTS WERE MADE WITH A COMBINATION OF ROESY, NOESY, TOCSY, 1H-13C HMQC AND 1H-31P.
;
# 
_pdbx_nmr_refine.entry_id           1BZU 
_pdbx_nmr_refine.method             'molecular dynamics' 
_pdbx_nmr_refine.details            'AMBER FORCEFIELD' 
_pdbx_nmr_refine.software_ordinal   1 
# 
loop_
_pdbx_nmr_software.classification 
_pdbx_nmr_software.name 
_pdbx_nmr_software.version 
_pdbx_nmr_software.authors 
_pdbx_nmr_software.ordinal 
refinement           Discover 95.0 MSI 1 
'structure solution' VNMR     ?    ?   2 
'structure solution' Felix    ?    ?   3 
'structure solution' Discover ?    ?   4 
# 
loop_
_chem_comp_atom.comp_id 
_chem_comp_atom.atom_id 
_chem_comp_atom.type_symbol 
_chem_comp_atom.pdbx_aromatic_flag 
_chem_comp_atom.pdbx_stereo_config 
_chem_comp_atom.pdbx_ordinal 
A   OP3    O N N 1   
A   P      P N N 2   
A   OP1    O N N 3   
A   OP2    O N N 4   
A   "O5'"  O N N 5   
A   "C5'"  C N N 6   
A   "C4'"  C N R 7   
A   "O4'"  O N N 8   
A   "C3'"  C N S 9   
A   "O3'"  O N N 10  
A   "C2'"  C N R 11  
A   "O2'"  O N N 12  
A   "C1'"  C N R 13  
A   N9     N Y N 14  
A   C8     C Y N 15  
A   N7     N Y N 16  
A   C5     C Y N 17  
A   C6     C Y N 18  
A   N6     N N N 19  
A   N1     N Y N 20  
A   C2     C Y N 21  
A   N3     N Y N 22  
A   C4     C Y N 23  
A   HOP3   H N N 24  
A   HOP2   H N N 25  
A   "H5'"  H N N 26  
A   "H5''" H N N 27  
A   "H4'"  H N N 28  
A   "H3'"  H N N 29  
A   "HO3'" H N N 30  
A   "H2'"  H N N 31  
A   "HO2'" H N N 32  
A   "H1'"  H N N 33  
A   H8     H N N 34  
A   H61    H N N 35  
A   H62    H N N 36  
A   H2     H N N 37  
C   OP3    O N N 38  
C   P      P N N 39  
C   OP1    O N N 40  
C   OP2    O N N 41  
C   "O5'"  O N N 42  
C   "C5'"  C N N 43  
C   "C4'"  C N R 44  
C   "O4'"  O N N 45  
C   "C3'"  C N S 46  
C   "O3'"  O N N 47  
C   "C2'"  C N R 48  
C   "O2'"  O N N 49  
C   "C1'"  C N R 50  
C   N1     N N N 51  
C   C2     C N N 52  
C   O2     O N N 53  
C   N3     N N N 54  
C   C4     C N N 55  
C   N4     N N N 56  
C   C5     C N N 57  
C   C6     C N N 58  
C   HOP3   H N N 59  
C   HOP2   H N N 60  
C   "H5'"  H N N 61  
C   "H5''" H N N 62  
C   "H4'"  H N N 63  
C   "H3'"  H N N 64  
C   "HO3'" H N N 65  
C   "H2'"  H N N 66  
C   "HO2'" H N N 67  
C   "H1'"  H N N 68  
C   H41    H N N 69  
C   H42    H N N 70  
C   H5     H N N 71  
C   H6     H N N 72  
G   OP3    O N N 73  
G   P      P N N 74  
G   OP1    O N N 75  
G   OP2    O N N 76  
G   "O5'"  O N N 77  
G   "C5'"  C N N 78  
G   "C4'"  C N R 79  
G   "O4'"  O N N 80  
G   "C3'"  C N S 81  
G   "O3'"  O N N 82  
G   "C2'"  C N R 83  
G   "O2'"  O N N 84  
G   "C1'"  C N R 85  
G   N9     N Y N 86  
G   C8     C Y N 87  
G   N7     N Y N 88  
G   C5     C Y N 89  
G   C6     C N N 90  
G   O6     O N N 91  
G   N1     N N N 92  
G   C2     C N N 93  
G   N2     N N N 94  
G   N3     N N N 95  
G   C4     C Y N 96  
G   HOP3   H N N 97  
G   HOP2   H N N 98  
G   "H5'"  H N N 99  
G   "H5''" H N N 100 
G   "H4'"  H N N 101 
G   "H3'"  H N N 102 
G   "HO3'" H N N 103 
G   "H2'"  H N N 104 
G   "HO2'" H N N 105 
G   "H1'"  H N N 106 
G   H8     H N N 107 
G   H1     H N N 108 
G   H21    H N N 109 
G   H22    H N N 110 
PSU N1     N N N 111 
PSU C2     C N N 112 
PSU N3     N N N 113 
PSU C4     C N N 114 
PSU C5     C N N 115 
PSU C6     C N N 116 
PSU O2     O N N 117 
PSU O4     O N N 118 
PSU "C1'"  C N S 119 
PSU "C2'"  C N R 120 
PSU "O2'"  O N N 121 
PSU "C3'"  C N S 122 
PSU "C4'"  C N R 123 
PSU "O3'"  O N N 124 
PSU "O4'"  O N N 125 
PSU "C5'"  C N N 126 
PSU "O5'"  O N N 127 
PSU P      P N N 128 
PSU OP1    O N N 129 
PSU OP2    O N N 130 
PSU OP3    O N N 131 
PSU HN1    H N N 132 
PSU HN3    H N N 133 
PSU H6     H N N 134 
PSU "H1'"  H N N 135 
PSU "H2'"  H N N 136 
PSU "HO2'" H N N 137 
PSU "H3'"  H N N 138 
PSU "H4'"  H N N 139 
PSU "HO3'" H N N 140 
PSU "H5'"  H N N 141 
PSU "H5''" H N N 142 
PSU HOP2   H N N 143 
PSU HOP3   H N N 144 
U   OP3    O N N 145 
U   P      P N N 146 
U   OP1    O N N 147 
U   OP2    O N N 148 
U   "O5'"  O N N 149 
U   "C5'"  C N N 150 
U   "C4'"  C N R 151 
U   "O4'"  O N N 152 
U   "C3'"  C N S 153 
U   "O3'"  O N N 154 
U   "C2'"  C N R 155 
U   "O2'"  O N N 156 
U   "C1'"  C N R 157 
U   N1     N N N 158 
U   C2     C N N 159 
U   O2     O N N 160 
U   N3     N N N 161 
U   C4     C N N 162 
U   O4     O N N 163 
U   C5     C N N 164 
U   C6     C N N 165 
U   HOP3   H N N 166 
U   HOP2   H N N 167 
U   "H5'"  H N N 168 
U   "H5''" H N N 169 
U   "H4'"  H N N 170 
U   "H3'"  H N N 171 
U   "HO3'" H N N 172 
U   "H2'"  H N N 173 
U   "HO2'" H N N 174 
U   "H1'"  H N N 175 
U   H3     H N N 176 
U   H5     H N N 177 
U   H6     H N N 178 
# 
loop_
_chem_comp_bond.comp_id 
_chem_comp_bond.atom_id_1 
_chem_comp_bond.atom_id_2 
_chem_comp_bond.value_order 
_chem_comp_bond.pdbx_aromatic_flag 
_chem_comp_bond.pdbx_stereo_config 
_chem_comp_bond.pdbx_ordinal 
A   OP3   P      sing N N 1   
A   OP3   HOP3   sing N N 2   
A   P     OP1    doub N N 3   
A   P     OP2    sing N N 4   
A   P     "O5'"  sing N N 5   
A   OP2   HOP2   sing N N 6   
A   "O5'" "C5'"  sing N N 7   
A   "C5'" "C4'"  sing N N 8   
A   "C5'" "H5'"  sing N N 9   
A   "C5'" "H5''" sing N N 10  
A   "C4'" "O4'"  sing N N 11  
A   "C4'" "C3'"  sing N N 12  
A   "C4'" "H4'"  sing N N 13  
A   "O4'" "C1'"  sing N N 14  
A   "C3'" "O3'"  sing N N 15  
A   "C3'" "C2'"  sing N N 16  
A   "C3'" "H3'"  sing N N 17  
A   "O3'" "HO3'" sing N N 18  
A   "C2'" "O2'"  sing N N 19  
A   "C2'" "C1'"  sing N N 20  
A   "C2'" "H2'"  sing N N 21  
A   "O2'" "HO2'" sing N N 22  
A   "C1'" N9     sing N N 23  
A   "C1'" "H1'"  sing N N 24  
A   N9    C8     sing Y N 25  
A   N9    C4     sing Y N 26  
A   C8    N7     doub Y N 27  
A   C8    H8     sing N N 28  
A   N7    C5     sing Y N 29  
A   C5    C6     sing Y N 30  
A   C5    C4     doub Y N 31  
A   C6    N6     sing N N 32  
A   C6    N1     doub Y N 33  
A   N6    H61    sing N N 34  
A   N6    H62    sing N N 35  
A   N1    C2     sing Y N 36  
A   C2    N3     doub Y N 37  
A   C2    H2     sing N N 38  
A   N3    C4     sing Y N 39  
C   OP3   P      sing N N 40  
C   OP3   HOP3   sing N N 41  
C   P     OP1    doub N N 42  
C   P     OP2    sing N N 43  
C   P     "O5'"  sing N N 44  
C   OP2   HOP2   sing N N 45  
C   "O5'" "C5'"  sing N N 46  
C   "C5'" "C4'"  sing N N 47  
C   "C5'" "H5'"  sing N N 48  
C   "C5'" "H5''" sing N N 49  
C   "C4'" "O4'"  sing N N 50  
C   "C4'" "C3'"  sing N N 51  
C   "C4'" "H4'"  sing N N 52  
C   "O4'" "C1'"  sing N N 53  
C   "C3'" "O3'"  sing N N 54  
C   "C3'" "C2'"  sing N N 55  
C   "C3'" "H3'"  sing N N 56  
C   "O3'" "HO3'" sing N N 57  
C   "C2'" "O2'"  sing N N 58  
C   "C2'" "C1'"  sing N N 59  
C   "C2'" "H2'"  sing N N 60  
C   "O2'" "HO2'" sing N N 61  
C   "C1'" N1     sing N N 62  
C   "C1'" "H1'"  sing N N 63  
C   N1    C2     sing N N 64  
C   N1    C6     sing N N 65  
C   C2    O2     doub N N 66  
C   C2    N3     sing N N 67  
C   N3    C4     doub N N 68  
C   C4    N4     sing N N 69  
C   C4    C5     sing N N 70  
C   N4    H41    sing N N 71  
C   N4    H42    sing N N 72  
C   C5    C6     doub N N 73  
C   C5    H5     sing N N 74  
C   C6    H6     sing N N 75  
G   OP3   P      sing N N 76  
G   OP3   HOP3   sing N N 77  
G   P     OP1    doub N N 78  
G   P     OP2    sing N N 79  
G   P     "O5'"  sing N N 80  
G   OP2   HOP2   sing N N 81  
G   "O5'" "C5'"  sing N N 82  
G   "C5'" "C4'"  sing N N 83  
G   "C5'" "H5'"  sing N N 84  
G   "C5'" "H5''" sing N N 85  
G   "C4'" "O4'"  sing N N 86  
G   "C4'" "C3'"  sing N N 87  
G   "C4'" "H4'"  sing N N 88  
G   "O4'" "C1'"  sing N N 89  
G   "C3'" "O3'"  sing N N 90  
G   "C3'" "C2'"  sing N N 91  
G   "C3'" "H3'"  sing N N 92  
G   "O3'" "HO3'" sing N N 93  
G   "C2'" "O2'"  sing N N 94  
G   "C2'" "C1'"  sing N N 95  
G   "C2'" "H2'"  sing N N 96  
G   "O2'" "HO2'" sing N N 97  
G   "C1'" N9     sing N N 98  
G   "C1'" "H1'"  sing N N 99  
G   N9    C8     sing Y N 100 
G   N9    C4     sing Y N 101 
G   C8    N7     doub Y N 102 
G   C8    H8     sing N N 103 
G   N7    C5     sing Y N 104 
G   C5    C6     sing N N 105 
G   C5    C4     doub Y N 106 
G   C6    O6     doub N N 107 
G   C6    N1     sing N N 108 
G   N1    C2     sing N N 109 
G   N1    H1     sing N N 110 
G   C2    N2     sing N N 111 
G   C2    N3     doub N N 112 
G   N2    H21    sing N N 113 
G   N2    H22    sing N N 114 
G   N3    C4     sing N N 115 
PSU N1    C2     sing N N 116 
PSU N1    C6     sing N N 117 
PSU N1    HN1    sing N N 118 
PSU C2    N3     sing N N 119 
PSU C2    O2     doub N N 120 
PSU N3    C4     sing N N 121 
PSU N3    HN3    sing N N 122 
PSU C4    C5     sing N N 123 
PSU C4    O4     doub N N 124 
PSU C5    C6     doub N N 125 
PSU C5    "C1'"  sing N N 126 
PSU C6    H6     sing N N 127 
PSU "C1'" "C2'"  sing N N 128 
PSU "C1'" "O4'"  sing N N 129 
PSU "C1'" "H1'"  sing N N 130 
PSU "C2'" "O2'"  sing N N 131 
PSU "C2'" "C3'"  sing N N 132 
PSU "C2'" "H2'"  sing N N 133 
PSU "O2'" "HO2'" sing N N 134 
PSU "C3'" "C4'"  sing N N 135 
PSU "C3'" "O3'"  sing N N 136 
PSU "C3'" "H3'"  sing N N 137 
PSU "C4'" "O4'"  sing N N 138 
PSU "C4'" "C5'"  sing N N 139 
PSU "C4'" "H4'"  sing N N 140 
PSU "O3'" "HO3'" sing N N 141 
PSU "C5'" "O5'"  sing N N 142 
PSU "C5'" "H5'"  sing N N 143 
PSU "C5'" "H5''" sing N N 144 
PSU "O5'" P      sing N N 145 
PSU P     OP1    doub N N 146 
PSU P     OP2    sing N N 147 
PSU P     OP3    sing N N 148 
PSU OP2   HOP2   sing N N 149 
PSU OP3   HOP3   sing N N 150 
U   OP3   P      sing N N 151 
U   OP3   HOP3   sing N N 152 
U   P     OP1    doub N N 153 
U   P     OP2    sing N N 154 
U   P     "O5'"  sing N N 155 
U   OP2   HOP2   sing N N 156 
U   "O5'" "C5'"  sing N N 157 
U   "C5'" "C4'"  sing N N 158 
U   "C5'" "H5'"  sing N N 159 
U   "C5'" "H5''" sing N N 160 
U   "C4'" "O4'"  sing N N 161 
U   "C4'" "C3'"  sing N N 162 
U   "C4'" "H4'"  sing N N 163 
U   "O4'" "C1'"  sing N N 164 
U   "C3'" "O3'"  sing N N 165 
U   "C3'" "C2'"  sing N N 166 
U   "C3'" "H3'"  sing N N 167 
U   "O3'" "HO3'" sing N N 168 
U   "C2'" "O2'"  sing N N 169 
U   "C2'" "C1'"  sing N N 170 
U   "C2'" "H2'"  sing N N 171 
U   "O2'" "HO2'" sing N N 172 
U   "C1'" N1     sing N N 173 
U   "C1'" "H1'"  sing N N 174 
U   N1    C2     sing N N 175 
U   N1    C6     sing N N 176 
U   C2    O2     doub N N 177 
U   C2    N3     sing N N 178 
U   N3    C4     sing N N 179 
U   N3    H3     sing N N 180 
U   C4    O4     doub N N 181 
U   C4    C5     sing N N 182 
U   C5    C6     doub N N 183 
U   C5    H5     sing N N 184 
U   C6    H6     sing N N 185 
# 
loop_
_ndb_struct_conf_na.entry_id 
_ndb_struct_conf_na.feature 
1BZU 'a-form double helix'  
1BZU 'hairpin loop'         
1BZU 'mismatched base pair' 
# 
loop_
_ndb_struct_na_base_pair.model_number 
_ndb_struct_na_base_pair.i_label_asym_id 
_ndb_struct_na_base_pair.i_label_comp_id 
_ndb_struct_na_base_pair.i_label_seq_id 
_ndb_struct_na_base_pair.i_symmetry 
_ndb_struct_na_base_pair.j_label_asym_id 
_ndb_struct_na_base_pair.j_label_comp_id 
_ndb_struct_na_base_pair.j_label_seq_id 
_ndb_struct_na_base_pair.j_symmetry 
_ndb_struct_na_base_pair.shear 
_ndb_struct_na_base_pair.stretch 
_ndb_struct_na_base_pair.stagger 
_ndb_struct_na_base_pair.buckle 
_ndb_struct_na_base_pair.propeller 
_ndb_struct_na_base_pair.opening 
_ndb_struct_na_base_pair.pair_number 
_ndb_struct_na_base_pair.pair_name 
_ndb_struct_na_base_pair.i_auth_asym_id 
_ndb_struct_na_base_pair.i_auth_seq_id 
_ndb_struct_na_base_pair.i_PDB_ins_code 
_ndb_struct_na_base_pair.j_auth_asym_id 
_ndb_struct_na_base_pair.j_auth_seq_id 
_ndb_struct_na_base_pair.j_PDB_ins_code 
_ndb_struct_na_base_pair.hbond_type_28 
_ndb_struct_na_base_pair.hbond_type_12 
1 A U 1 1_555 A A   17 1_555 0.955  -0.752 -1.257 -2.329 -6.820  12.112  1 A_U27:A43_A   A 27 ? A 43 ? 20 1 
1 A C 2 1_555 A G   16 1_555 0.859  -0.673 1.074  3.744  -9.185  -2.804  2 A_C28:G42_A   A 28 ? A 42 ? 19 1 
1 A A 3 1_555 A U   15 1_555 -0.417 -0.547 -1.329 -7.222 -0.188  -4.024  3 A_A29:U41_A   A 29 ? A 41 ? 20 1 
1 A G 4 1_555 A C   14 1_555 -0.024 -0.234 0.380  -2.116 -21.429 -5.385  4 A_G30:C40_A   A 30 ? A 40 ? 19 1 
1 A A 5 1_555 A PSU 13 1_555 0.508  -0.083 -0.030 -3.430 -9.723  -7.716  5 A_A31:PSU39_A A 31 ? A 39 ? 21 1 
1 A C 6 1_555 A A   12 1_555 6.621  -2.724 -0.437 9.691  0.419   -11.959 6 A_C32:A38_A   A 32 ? A 38 ? ?  ? 
# 
loop_
_ndb_struct_na_base_pair_step.model_number 
_ndb_struct_na_base_pair_step.i_label_asym_id_1 
_ndb_struct_na_base_pair_step.i_label_comp_id_1 
_ndb_struct_na_base_pair_step.i_label_seq_id_1 
_ndb_struct_na_base_pair_step.i_symmetry_1 
_ndb_struct_na_base_pair_step.j_label_asym_id_1 
_ndb_struct_na_base_pair_step.j_label_comp_id_1 
_ndb_struct_na_base_pair_step.j_label_seq_id_1 
_ndb_struct_na_base_pair_step.j_symmetry_1 
_ndb_struct_na_base_pair_step.i_label_asym_id_2 
_ndb_struct_na_base_pair_step.i_label_comp_id_2 
_ndb_struct_na_base_pair_step.i_label_seq_id_2 
_ndb_struct_na_base_pair_step.i_symmetry_2 
_ndb_struct_na_base_pair_step.j_label_asym_id_2 
_ndb_struct_na_base_pair_step.j_label_comp_id_2 
_ndb_struct_na_base_pair_step.j_label_seq_id_2 
_ndb_struct_na_base_pair_step.j_symmetry_2 
_ndb_struct_na_base_pair_step.shift 
_ndb_struct_na_base_pair_step.slide 
_ndb_struct_na_base_pair_step.rise 
_ndb_struct_na_base_pair_step.tilt 
_ndb_struct_na_base_pair_step.roll 
_ndb_struct_na_base_pair_step.twist 
_ndb_struct_na_base_pair_step.x_displacement 
_ndb_struct_na_base_pair_step.y_displacement 
_ndb_struct_na_base_pair_step.helical_rise 
_ndb_struct_na_base_pair_step.inclination 
_ndb_struct_na_base_pair_step.tip 
_ndb_struct_na_base_pair_step.helical_twist 
_ndb_struct_na_base_pair_step.step_number 
_ndb_struct_na_base_pair_step.step_name 
_ndb_struct_na_base_pair_step.i_auth_asym_id_1 
_ndb_struct_na_base_pair_step.i_auth_seq_id_1 
_ndb_struct_na_base_pair_step.i_PDB_ins_code_1 
_ndb_struct_na_base_pair_step.j_auth_asym_id_1 
_ndb_struct_na_base_pair_step.j_auth_seq_id_1 
_ndb_struct_na_base_pair_step.j_PDB_ins_code_1 
_ndb_struct_na_base_pair_step.i_auth_asym_id_2 
_ndb_struct_na_base_pair_step.i_auth_seq_id_2 
_ndb_struct_na_base_pair_step.i_PDB_ins_code_2 
_ndb_struct_na_base_pair_step.j_auth_asym_id_2 
_ndb_struct_na_base_pair_step.j_auth_seq_id_2 
_ndb_struct_na_base_pair_step.j_PDB_ins_code_2 
1 A U 1 1_555 A A   17 1_555 A C 2 1_555 A G   16 1_555 -0.438 -1.542 3.649 -9.097 6.428  25.280 -4.934 -1.489 3.137 13.861 19.615 
27.588 1 AA_U27C28:G42A43_AA   A 27 ? A 43 ? A 28 ? A 42 ? 
1 A C 2 1_555 A G   16 1_555 A A 3 1_555 A U   15 1_555 -0.155 -2.143 4.308 10.780 7.062  23.398 -6.898 3.773  3.166 15.957 
-24.357 26.669 2 AA_C28A29:U41G42_AA   A 28 ? A 42 ? A 29 ? A 41 ? 
1 A A 3 1_555 A U   15 1_555 A G 4 1_555 A C   14 1_555 0.030  -1.644 3.499 -6.132 -1.814 30.452 -2.690 -1.328 3.516 -3.407 11.516 
31.101 3 AA_A29G30:C40U41_AA   A 29 ? A 41 ? A 30 ? A 40 ? 
1 A G 4 1_555 A C   14 1_555 A A 5 1_555 A PSU 13 1_555 -0.218 -2.409 3.120 -0.354 5.017  33.092 -4.930 0.326  2.737 8.745  0.617 
33.461 4 AA_G30A31:PSU39C40_AA A 30 ? A 40 ? A 31 ? A 39 ? 
1 A A 5 1_555 A PSU 13 1_555 A C 6 1_555 A A   12 1_555 -0.657 -1.691 2.904 6.537  6.886  53.532 -2.209 1.057  2.594 7.577  -7.194 
54.306 5 AA_A31C32:A38PSU39_AA A 31 ? A 39 ? A 32 ? A 38 ? 
# 
_pdbx_nmr_spectrometer.spectrometer_id   1 
_pdbx_nmr_spectrometer.model             'UNITY 500' 
_pdbx_nmr_spectrometer.manufacturer      Varian 
_pdbx_nmr_spectrometer.field_strength    500 
# 
_atom_sites.entry_id                    1BZU 
_atom_sites.fract_transf_matrix[1][1]   1.000000 
_atom_sites.fract_transf_matrix[1][2]   0.000000 
_atom_sites.fract_transf_matrix[1][3]   0.000000 
_atom_sites.fract_transf_matrix[2][1]   0.000000 
_atom_sites.fract_transf_matrix[2][2]   1.000000 
_atom_sites.fract_transf_matrix[2][3]   0.000000 
_atom_sites.fract_transf_matrix[3][1]   0.000000 
_atom_sites.fract_transf_matrix[3][2]   0.000000 
_atom_sites.fract_transf_matrix[3][3]   1.000000 
_atom_sites.fract_transf_vector[1]      0.00000 
_atom_sites.fract_transf_vector[2]      0.00000 
_atom_sites.fract_transf_vector[3]      0.00000 
# 
loop_
_atom_type.symbol 
C 
H 
N 
O 
P 
# 
loop_
_atom_site.group_PDB 
_atom_site.id 
_atom_site.type_symbol 
_atom_site.label_atom_id 
_atom_site.label_alt_id 
_atom_site.label_comp_id 
_atom_site.label_asym_id 
_atom_site.label_entity_id 
_atom_site.label_seq_id 
_atom_site.pdbx_PDB_ins_code 
_atom_site.Cartn_x 
_atom_site.Cartn_y 
_atom_site.Cartn_z 
_atom_site.occupancy 
_atom_site.B_iso_or_equiv 
_atom_site.pdbx_formal_charge 
_atom_site.auth_seq_id 
_atom_site.auth_comp_id 
_atom_site.auth_asym_id 
_atom_site.auth_atom_id 
_atom_site.pdbx_PDB_model_num 
ATOM   1   O "O5'"  . U   A 1 1  ? 13.685 3.603   -10.361 1.00 0.00 ? 27 U   A "O5'"  1 
ATOM   2   C "C5'"  . U   A 1 1  ? 14.719 4.336   -9.743  1.00 0.00 ? 27 U   A "C5'"  1 
ATOM   3   C "C4'"  . U   A 1 1  ? 14.154 5.398   -8.799  1.00 0.00 ? 27 U   A "C4'"  1 
ATOM   4   O "O4'"  . U   A 1 1  ? 13.346 6.345   -9.482  1.00 0.00 ? 27 U   A "O4'"  1 
ATOM   5   C "C3'"  . U   A 1 1  ? 13.297 4.821   -7.676  1.00 0.00 ? 27 U   A "C3'"  1 
ATOM   6   O "O3'"  . U   A 1 1  ? 14.131 4.278   -6.666  1.00 0.00 ? 27 U   A "O3'"  1 
ATOM   7   C "C2'"  . U   A 1 1  ? 12.540 6.080   -7.270  1.00 0.00 ? 27 U   A "C2'"  1 
ATOM   8   O "O2'"  . U   A 1 1  ? 13.339 6.854   -6.403  1.00 0.00 ? 27 U   A "O2'"  1 
ATOM   9   C "C1'"  . U   A 1 1  ? 12.355 6.838   -8.588  1.00 0.00 ? 27 U   A "C1'"  1 
ATOM   10  N N1     . U   A 1 1  ? 10.981 6.667   -9.141  1.00 0.00 ? 27 U   A N1     1 
ATOM   11  C C2     . U   A 1 1  ? 10.041 7.671   -8.939  1.00 0.00 ? 27 U   A C2     1 
ATOM   12  O O2     . U   A 1 1  ? 10.290 8.744   -8.393  1.00 0.00 ? 27 U   A O2     1 
ATOM   13  N N3     . U   A 1 1  ? 8.758  7.409   -9.388  1.00 0.00 ? 27 U   A N3     1 
ATOM   14  C C4     . U   A 1 1  ? 8.319  6.256   -10.007 1.00 0.00 ? 27 U   A C4     1 
ATOM   15  O O4     . U   A 1 1  ? 7.127  6.104   -10.267 1.00 0.00 ? 27 U   A O4     1 
ATOM   16  C C5     . U   A 1 1  ? 9.377  5.316   -10.279 1.00 0.00 ? 27 U   A C5     1 
ATOM   17  C C6     . U   A 1 1  ? 10.637 5.547   -9.845  1.00 0.00 ? 27 U   A C6     1 
ATOM   18  H "H5'"  . U   A 1 1  ? 15.323 4.821   -10.510 1.00 0.00 ? 27 U   A "H5'"  1 
ATOM   19  H "H5''" . U   A 1 1  ? 15.347 3.652   -9.173  1.00 0.00 ? 27 U   A "H5''" 1 
ATOM   20  H "H4'"  . U   A 1 1  ? 15.002 5.912   -8.345  1.00 0.00 ? 27 U   A "H4'"  1 
ATOM   21  H "H3'"  . U   A 1 1  ? 12.590 4.078   -8.037  1.00 0.00 ? 27 U   A "H3'"  1 
ATOM   22  H "H2'"  . U   A 1 1  ? 11.579 5.866   -6.819  1.00 0.00 ? 27 U   A "H2'"  1 
ATOM   23  H "HO2'" . U   A 1 1  ? 14.153 7.084   -6.855  1.00 0.00 ? 27 U   A "HO2'" 1 
ATOM   24  H "H1'"  . U   A 1 1  ? 12.524 7.890   -8.395  1.00 0.00 ? 27 U   A "H1'"  1 
ATOM   25  H H3     . U   A 1 1  ? 8.061  8.101   -9.145  1.00 0.00 ? 27 U   A H3     1 
ATOM   26  H H5     . U   A 1 1  ? 9.159  4.408   -10.821 1.00 0.00 ? 27 U   A H5     1 
ATOM   27  H H6     . U   A 1 1  ? 11.397 4.827   -10.068 1.00 0.00 ? 27 U   A H6     1 
ATOM   28  H "HO5'" . U   A 1 1  ? 13.187 4.199   -10.926 1.00 0.00 ? 27 U   A "HO5'" 1 
ATOM   29  P P      . C   A 1 2  ? 13.597 3.209   -5.572  1.00 0.00 ? 28 C   A P      1 
ATOM   30  O OP1    . C   A 1 2  ? 14.774 2.652   -4.868  1.00 0.00 ? 28 C   A OP1    1 
ATOM   31  O OP2    . C   A 1 2  ? 12.637 2.293   -6.226  1.00 0.00 ? 28 C   A OP2    1 
ATOM   32  O "O5'"  . C   A 1 2  ? 12.789 4.121   -4.526  1.00 0.00 ? 28 C   A "O5'"  1 
ATOM   33  C "C5'"  . C   A 1 2  ? 13.482 4.983   -3.657  1.00 0.00 ? 28 C   A "C5'"  1 
ATOM   34  C "C4'"  . C   A 1 2  ? 12.516 6.043   -3.144  1.00 0.00 ? 28 C   A "C4'"  1 
ATOM   35  O "O4'"  . C   A 1 2  ? 11.738 6.523   -4.223  1.00 0.00 ? 28 C   A "O4'"  1 
ATOM   36  C "C3'"  . C   A 1 2  ? 11.503 5.561   -2.111  1.00 0.00 ? 28 C   A "C3'"  1 
ATOM   37  O "O3'"  . C   A 1 2  ? 12.051 5.429   -0.815  1.00 0.00 ? 28 C   A "O3'"  1 
ATOM   38  C "C2'"  . C   A 1 2  ? 10.514 6.708   -2.208  1.00 0.00 ? 28 C   A "C2'"  1 
ATOM   39  O "O2'"  . C   A 1 2  ? 10.979 7.845   -1.513  1.00 0.00 ? 28 C   A "O2'"  1 
ATOM   40  C "C1'"  . C   A 1 2  ? 10.503 6.989   -3.709  1.00 0.00 ? 28 C   A "C1'"  1 
ATOM   41  N N1     . C   A 1 2  ? 9.316  6.348   -4.336  1.00 0.00 ? 28 C   A N1     1 
ATOM   42  C C2     . C   A 1 2  ? 8.094  6.983   -4.157  1.00 0.00 ? 28 C   A C2     1 
ATOM   43  O O2     . C   A 1 2  ? 8.006  7.978   -3.440  1.00 0.00 ? 28 C   A O2     1 
ATOM   44  N N3     . C   A 1 2  ? 7.001  6.477   -4.783  1.00 0.00 ? 28 C   A N3     1 
ATOM   45  C C4     . C   A 1 2  ? 7.077  5.370   -5.528  1.00 0.00 ? 28 C   A C4     1 
ATOM   46  N N4     . C   A 1 2  ? 5.973  4.930   -6.146  1.00 0.00 ? 28 C   A N4     1 
ATOM   47  C C5     . C   A 1 2  ? 8.307  4.653   -5.657  1.00 0.00 ? 28 C   A C5     1 
ATOM   48  C C6     . C   A 1 2  ? 9.390  5.179   -5.046  1.00 0.00 ? 28 C   A C6     1 
ATOM   49  H "H5'"  . C   A 1 2  ? 14.268 5.483   -4.223  1.00 0.00 ? 28 C   A "H5'"  1 
ATOM   50  H "H5''" . C   A 1 2  ? 13.925 4.428   -2.831  1.00 0.00 ? 28 C   A "H5''" 1 
ATOM   51  H "H4'"  . C   A 1 2  ? 13.092 6.863   -2.715  1.00 0.00 ? 28 C   A "H4'"  1 
ATOM   52  H "H3'"  . C   A 1 2  ? 11.008 4.644   -2.429  1.00 0.00 ? 28 C   A "H3'"  1 
ATOM   53  H "H2'"  . C   A 1 2  ? 9.540  6.411   -1.846  1.00 0.00 ? 28 C   A "H2'"  1 
ATOM   54  H "HO2'" . C   A 1 2  ? 11.739 8.205   -1.976  1.00 0.00 ? 28 C   A "HO2'" 1 
ATOM   55  H "H1'"  . C   A 1 2  ? 10.474 8.058   -3.893  1.00 0.00 ? 28 C   A "H1'"  1 
ATOM   56  H H41    . C   A 1 2  ? 5.109  5.446   -6.061  1.00 0.00 ? 28 C   A H41    1 
ATOM   57  H H42    . C   A 1 2  ? 6.007  4.089   -6.707  1.00 0.00 ? 28 C   A H42    1 
ATOM   58  H H5     . C   A 1 2  ? 8.402  3.733   -6.214  1.00 0.00 ? 28 C   A H5     1 
ATOM   59  H H6     . C   A 1 2  ? 10.317 4.637   -5.131  1.00 0.00 ? 28 C   A H6     1 
ATOM   60  P P      . A   A 1 3  ? 11.297 4.570   0.328   1.00 0.00 ? 29 A   A P      1 
ATOM   61  O OP1    . A   A 1 3  ? 12.139 4.596   1.546   1.00 0.00 ? 29 A   A OP1    1 
ATOM   62  O OP2    . A   A 1 3  ? 10.906 3.269   -0.258  1.00 0.00 ? 29 A   A OP2    1 
ATOM   63  O "O5'"  . A   A 1 3  ? 9.950  5.397   0.645   1.00 0.00 ? 29 A   A "O5'"  1 
ATOM   64  C "C5'"  . A   A 1 3  ? 9.984  6.538   1.474   1.00 0.00 ? 29 A   A "C5'"  1 
ATOM   65  C "C4'"  . A   A 1 3  ? 8.578  7.115   1.622   1.00 0.00 ? 29 A   A "C4'"  1 
ATOM   66  O "O4'"  . A   A 1 3  ? 8.013  7.396   0.358   1.00 0.00 ? 29 A   A "O4'"  1 
ATOM   67  C "C3'"  . A   A 1 3  ? 7.589  6.173   2.306   1.00 0.00 ? 29 A   A "C3'"  1 
ATOM   68  O "O3'"  . A   A 1 3  ? 7.751  6.105   3.709   1.00 0.00 ? 29 A   A "O3'"  1 
ATOM   69  C "C2'"  . A   A 1 3  ? 6.301  6.872   1.919   1.00 0.00 ? 29 A   A "C2'"  1 
ATOM   70  O "O2'"  . A   A 1 3  ? 6.067  7.982   2.756   1.00 0.00 ? 29 A   A "O2'"  1 
ATOM   71  C "C1'"  . A   A 1 3  ? 6.607  7.355   0.510   1.00 0.00 ? 29 A   A "C1'"  1 
ATOM   72  N N9     . A   A 1 3  ? 5.995  6.440   -0.450  1.00 0.00 ? 29 A   A N9     1 
ATOM   73  C C8     . A   A 1 3  ? 6.537  5.442   -1.198  1.00 0.00 ? 29 A   A C8     1 
ATOM   74  N N7     . A   A 1 3  ? 5.705  4.914   -2.060  1.00 0.00 ? 29 A   A N7     1 
ATOM   75  C C5     . A   A 1 3  ? 4.528  5.639   -1.866  1.00 0.00 ? 29 A   A C5     1 
ATOM   76  C C6     . A   A 1 3  ? 3.266  5.648   -2.487  1.00 0.00 ? 29 A   A C6     1 
ATOM   77  N N6     . A   A 1 3  ? 2.925  4.817   -3.481  1.00 0.00 ? 29 A   A N6     1 
ATOM   78  N N1     . A   A 1 3  ? 2.385  6.577   -2.073  1.00 0.00 ? 29 A   A N1     1 
ATOM   79  C C2     . A   A 1 3  ? 2.729  7.400   -1.091  1.00 0.00 ? 29 A   A C2     1 
ATOM   80  N N3     . A   A 1 3  ? 3.843  7.467   -0.414  1.00 0.00 ? 29 A   A N3     1 
ATOM   81  C C4     . A   A 1 3  ? 4.711  6.554   -0.872  1.00 0.00 ? 29 A   A C4     1 
ATOM   82  H "H5'"  . A   A 1 3  ? 10.638 7.288   1.028   1.00 0.00 ? 29 A   A "H5'"  1 
ATOM   83  H "H5''" . A   A 1 3  ? 10.369 6.264   2.456   1.00 0.00 ? 29 A   A "H5''" 1 
ATOM   84  H "H4'"  . A   A 1 3  ? 8.614  8.048   2.183   1.00 0.00 ? 29 A   A "H4'"  1 
ATOM   85  H "H3'"  . A   A 1 3  ? 7.612  5.181   1.853   1.00 0.00 ? 29 A   A "H3'"  1 
ATOM   86  H "H2'"  . A   A 1 3  ? 5.462  6.191   1.904   1.00 0.00 ? 29 A   A "H2'"  1 
ATOM   87  H "HO2'" . A   A 1 3  ? 5.286  8.441   2.441   1.00 0.00 ? 29 A   A "HO2'" 1 
ATOM   88  H "H1'"  . A   A 1 3  ? 6.120  8.307   0.321   1.00 0.00 ? 29 A   A "H1'"  1 
ATOM   89  H H8     . A   A 1 3  ? 7.566  5.173   -1.061  1.00 0.00 ? 29 A   A H8     1 
ATOM   90  H H61    . A   A 1 3  ? 2.009  4.881   -3.902  1.00 0.00 ? 29 A   A H61    1 
ATOM   91  H H62    . A   A 1 3  ? 3.586  4.128   -3.811  1.00 0.00 ? 29 A   A H62    1 
ATOM   92  H H2     . A   A 1 3  ? 2.083  8.182   -0.758  1.00 0.00 ? 29 A   A H2     1 
ATOM   93  P P      . G   A 1 4  ? 6.966  4.998   4.589   1.00 0.00 ? 30 G   A P      1 
ATOM   94  O OP1    . G   A 1 4  ? 7.406  5.134   5.995   1.00 0.00 ? 30 G   A OP1    1 
ATOM   95  O OP2    . G   A 1 4  ? 7.103  3.693   3.903   1.00 0.00 ? 30 G   A OP2    1 
ATOM   96  O "O5'"  . G   A 1 4  ? 5.415  5.437   4.512   1.00 0.00 ? 30 G   A "O5'"  1 
ATOM   97  C "C5'"  . G   A 1 4  ? 4.915  6.477   5.323   1.00 0.00 ? 30 G   A "C5'"  1 
ATOM   98  C "C4'"  . G   A 1 4  ? 3.532  6.900   4.828   1.00 0.00 ? 30 G   A "C4'"  1 
ATOM   99  O "O4'"  . G   A 1 4  ? 3.503  6.902   3.413   1.00 0.00 ? 30 G   A "O4'"  1 
ATOM   100 C "C3'"  . G   A 1 4  ? 2.367  6.008   5.255   1.00 0.00 ? 30 G   A "C3'"  1 
ATOM   101 O "O3'"  . G   A 1 4  ? 1.937  6.261   6.575   1.00 0.00 ? 30 G   A "O3'"  1 
ATOM   102 C "C2'"  . G   A 1 4  ? 1.335  6.457   4.233   1.00 0.00 ? 30 G   A "C2'"  1 
ATOM   103 O "O2'"  . G   A 1 4  ? 0.830  7.732   4.568   1.00 0.00 ? 30 G   A "O2'"  1 
ATOM   104 C "C1'"  . G   A 1 4  ? 2.191  6.589   2.979   1.00 0.00 ? 30 G   A "C1'"  1 
ATOM   105 N N9     . G   A 1 4  ? 2.155  5.318   2.225   1.00 0.00 ? 30 G   A N9     1 
ATOM   106 C C8     . G   A 1 4  ? 3.093  4.321   2.106   1.00 0.00 ? 30 G   A C8     1 
ATOM   107 N N7     . G   A 1 4  ? 2.724  3.337   1.334   1.00 0.00 ? 30 G   A N7     1 
ATOM   108 C C5     . G   A 1 4  ? 1.450  3.702   0.913   1.00 0.00 ? 30 G   A C5     1 
ATOM   109 C C6     . G   A 1 4  ? 0.549  3.020   0.056   1.00 0.00 ? 30 G   A C6     1 
ATOM   110 O O6     . G   A 1 4  ? 0.706  1.945   -0.520  1.00 0.00 ? 30 G   A O6     1 
ATOM   111 N N1     . G   A 1 4  ? -0.635 3.726   -0.092  1.00 0.00 ? 30 G   A N1     1 
ATOM   112 C C2     . G   A 1 4  ? -0.920 4.940   0.495   1.00 0.00 ? 30 G   A C2     1 
ATOM   113 N N2     . G   A 1 4  ? -2.123 5.469   0.231   1.00 0.00 ? 30 G   A N2     1 
ATOM   114 N N3     . G   A 1 4  ? -0.067 5.587   1.295   1.00 0.00 ? 30 G   A N3     1 
ATOM   115 C C4     . G   A 1 4  ? 1.092  4.908   1.459   1.00 0.00 ? 30 G   A C4     1 
ATOM   116 H "H5'"  . G   A 1 4  ? 5.587  7.330   5.244   1.00 0.00 ? 30 G   A "H5'"  1 
ATOM   117 H "H5''" . G   A 1 4  ? 4.863  6.159   6.364   1.00 0.00 ? 30 G   A "H5''" 1 
ATOM   118 H "H4'"  . G   A 1 4  ? 3.338  7.910   5.189   1.00 0.00 ? 30 G   A "H4'"  1 
ATOM   119 H "H3'"  . G   A 1 4  ? 2.590  4.951   5.112   1.00 0.00 ? 30 G   A "H3'"  1 
ATOM   120 H "H2'"  . G   A 1 4  ? 0.529  5.737   4.113   1.00 0.00 ? 30 G   A "H2'"  1 
ATOM   121 H "HO2'" . G   A 1 4  ? 0.610  7.739   5.501   1.00 0.00 ? 30 G   A "HO2'" 1 
ATOM   122 H "H1'"  . G   A 1 4  ? 1.807  7.383   2.338   1.00 0.00 ? 30 G   A "H1'"  1 
ATOM   123 H H8     . G   A 1 4  ? 4.056  4.322   2.591   1.00 0.00 ? 30 G   A H8     1 
ATOM   124 H H1     . G   A 1 4  ? -1.341 3.310   -0.685  1.00 0.00 ? 30 G   A H1     1 
ATOM   125 H H21    . G   A 1 4  ? -2.768 4.980   -0.373  1.00 0.00 ? 30 G   A H21    1 
ATOM   126 H H22    . G   A 1 4  ? -2.384 6.356   0.636   1.00 0.00 ? 30 G   A H22    1 
ATOM   127 P P      . A   A 1 5  ? 1.069  5.164   7.379   1.00 0.00 ? 31 A   A P      1 
ATOM   128 O OP1    . A   A 1 5  ? 0.693  5.744   8.689   1.00 0.00 ? 31 A   A OP1    1 
ATOM   129 O OP2    . A   A 1 5  ? 1.807  3.881   7.333   1.00 0.00 ? 31 A   A OP2    1 
ATOM   130 O "O5'"  . A   A 1 5  ? -0.273 4.995   6.506   1.00 0.00 ? 31 A   A "O5'"  1 
ATOM   131 C "C5'"  . A   A 1 5  ? -1.353 5.895   6.645   1.00 0.00 ? 31 A   A "C5'"  1 
ATOM   132 C "C4'"  . A   A 1 5  ? -2.493 5.481   5.716   1.00 0.00 ? 31 A   A "C4'"  1 
ATOM   133 O "O4'"  . A   A 1 5  ? -2.049 5.363   4.375   1.00 0.00 ? 31 A   A "O4'"  1 
ATOM   134 C "C3'"  . A   A 1 5  ? -3.096 4.130   6.079   1.00 0.00 ? 31 A   A "C3'"  1 
ATOM   135 O "O3'"  . A   A 1 5  ? -4.056 4.231   7.115   1.00 0.00 ? 31 A   A "O3'"  1 
ATOM   136 C "C2'"  . A   A 1 5  ? -3.764 3.789   4.762   1.00 0.00 ? 31 A   A "C2'"  1 
ATOM   137 O "O2'"  . A   A 1 5  ? -5.063 4.331   4.696   1.00 0.00 ? 31 A   A "O2'"  1 
ATOM   138 C "C1'"  . A   A 1 5  ? -2.897 4.442   3.706   1.00 0.00 ? 31 A   A "C1'"  1 
ATOM   139 N N9     . A   A 1 5  ? -2.183 3.361   3.018   1.00 0.00 ? 31 A   A N9     1 
ATOM   140 C C8     . A   A 1 5  ? -0.940 2.912   3.305   1.00 0.00 ? 31 A   A C8     1 
ATOM   141 N N7     . A   A 1 5  ? -0.542 1.906   2.576   1.00 0.00 ? 31 A   A N7     1 
ATOM   142 C C5     . A   A 1 5  ? -1.651 1.632   1.780   1.00 0.00 ? 31 A   A C5     1 
ATOM   143 C C6     . A   A 1 5  ? -1.915 0.635   0.825   1.00 0.00 ? 31 A   A C6     1 
ATOM   144 N N6     . A   A 1 5  ? -0.998 -0.248  0.410   1.00 0.00 ? 31 A   A N6     1 
ATOM   145 N N1     . A   A 1 5  ? -3.165 0.554   0.347   1.00 0.00 ? 31 A   A N1     1 
ATOM   146 C C2     . A   A 1 5  ? -4.077 1.425   0.757   1.00 0.00 ? 31 A   A C2     1 
ATOM   147 N N3     . A   A 1 5  ? -3.943 2.439   1.599   1.00 0.00 ? 31 A   A N3     1 
ATOM   148 C C4     . A   A 1 5  ? -2.679 2.485   2.080   1.00 0.00 ? 31 A   A C4     1 
ATOM   149 H "H5'"  . A   A 1 5  ? -1.030 6.903   6.390   1.00 0.00 ? 31 A   A "H5'"  1 
ATOM   150 H "H5''" . A   A 1 5  ? -1.705 5.881   7.676   1.00 0.00 ? 31 A   A "H5''" 1 
ATOM   151 H "H4'"  . A   A 1 5  ? -3.287 6.227   5.753   1.00 0.00 ? 31 A   A "H4'"  1 
ATOM   152 H "H3'"  . A   A 1 5  ? -2.321 3.392   6.301   1.00 0.00 ? 31 A   A "H3'"  1 
ATOM   153 H "H2'"  . A   A 1 5  ? -3.706 2.722   4.611   1.00 0.00 ? 31 A   A "H2'"  1 
ATOM   154 H "HO2'" . A   A 1 5  ? -5.004 5.280   4.826   1.00 0.00 ? 31 A   A "HO2'" 1 
ATOM   155 H "H1'"  . A   A 1 5  ? -3.472 4.962   2.963   1.00 0.00 ? 31 A   A "H1'"  1 
ATOM   156 H H8     . A   A 1 5  ? -0.415 3.397   4.098   1.00 0.00 ? 31 A   A H8     1 
ATOM   157 H H61    . A   A 1 5  ? -1.248 -0.954  -0.268  1.00 0.00 ? 31 A   A H61    1 
ATOM   158 H H62    . A   A 1 5  ? -0.057 -0.210  0.774   1.00 0.00 ? 31 A   A H62    1 
ATOM   159 H H2     . A   A 1 5  ? -5.073 1.273   0.361   1.00 0.00 ? 31 A   A H2     1 
ATOM   160 P P      . C   A 1 6  ? -4.488 2.946   7.996   1.00 0.00 ? 32 C   A P      1 
ATOM   161 O OP1    . C   A 1 6  ? -5.627 3.341   8.854   1.00 0.00 ? 32 C   A OP1    1 
ATOM   162 O OP2    . C   A 1 6  ? -3.260 2.401   8.620   1.00 0.00 ? 32 C   A OP2    1 
ATOM   163 O "O5'"  . C   A 1 6  ? -5.021 1.859   6.931   1.00 0.00 ? 32 C   A "O5'"  1 
ATOM   164 C "C5'"  . C   A 1 6  ? -6.359 1.834   6.484   1.00 0.00 ? 32 C   A "C5'"  1 
ATOM   165 C "C4'"  . C   A 1 6  ? -6.504 0.750   5.413   1.00 0.00 ? 32 C   A "C4'"  1 
ATOM   166 O "O4'"  . C   A 1 6  ? -5.519 0.883   4.409   1.00 0.00 ? 32 C   A "O4'"  1 
ATOM   167 C "C3'"  . C   A 1 6  ? -6.363 -0.657  5.977   1.00 0.00 ? 32 C   A "C3'"  1 
ATOM   168 O "O3'"  . C   A 1 6  ? -7.637 -1.080  6.424   1.00 0.00 ? 32 C   A "O3'"  1 
ATOM   169 C "C2'"  . C   A 1 6  ? -5.937 -1.432  4.739   1.00 0.00 ? 32 C   A "C2'"  1 
ATOM   170 O "O2'"  . C   A 1 6  ? -7.085 -1.894  4.063   1.00 0.00 ? 32 C   A "O2'"  1 
ATOM   171 C "C1'"  . C   A 1 6  ? -5.229 -0.394  3.862   1.00 0.00 ? 32 C   A "C1'"  1 
ATOM   172 N N1     . C   A 1 6  ? -3.763 -0.651  3.846   1.00 0.00 ? 32 C   A N1     1 
ATOM   173 C C2     . C   A 1 6  ? -3.243 -1.484  2.862   1.00 0.00 ? 32 C   A C2     1 
ATOM   174 O O2     . C   A 1 6  ? -3.981 -2.093  2.090   1.00 0.00 ? 32 C   A O2     1 
ATOM   175 N N3     . C   A 1 6  ? -1.892 -1.612  2.775   1.00 0.00 ? 32 C   A N3     1 
ATOM   176 C C4     . C   A 1 6  ? -1.073 -0.975  3.620   1.00 0.00 ? 32 C   A C4     1 
ATOM   177 N N4     . C   A 1 6  ? 0.252  -1.122  3.481   1.00 0.00 ? 32 C   A N4     1 
ATOM   178 C C5     . C   A 1 6  ? -1.592 -0.177  4.687   1.00 0.00 ? 32 C   A C5     1 
ATOM   179 C C6     . C   A 1 6  ? -2.932 -0.062  4.759   1.00 0.00 ? 32 C   A C6     1 
ATOM   180 H "H5'"  . C   A 1 6  ? -6.635 2.799   6.066   1.00 0.00 ? 32 C   A "H5'"  1 
ATOM   181 H "H5''" . C   A 1 6  ? -7.021 1.609   7.321   1.00 0.00 ? 32 C   A "H5''" 1 
ATOM   182 H "H4'"  . C   A 1 6  ? -7.486 0.825   4.944   1.00 0.00 ? 32 C   A "H4'"  1 
ATOM   183 H "H3'"  . C   A 1 6  ? -5.585 -0.718  6.749   1.00 0.00 ? 32 C   A "H3'"  1 
ATOM   184 H "H2'"  . C   A 1 6  ? -5.278 -2.258  5.009   1.00 0.00 ? 32 C   A "H2'"  1 
ATOM   185 H "HO2'" . C   A 1 6  ? -7.639 -1.139  3.852   1.00 0.00 ? 32 C   A "HO2'" 1 
ATOM   186 H "H1'"  . C   A 1 6  ? -5.637 -0.390  2.847   1.00 0.00 ? 32 C   A "H1'"  1 
ATOM   187 H H41    . C   A 1 6  ? 0.621  -1.698  2.737   1.00 0.00 ? 32 C   A H41    1 
ATOM   188 H H42    . C   A 1 6  ? 0.882  -0.659  4.119   1.00 0.00 ? 32 C   A H42    1 
ATOM   189 H H5     . C   A 1 6  ? -0.987 0.352   5.412   1.00 0.00 ? 32 C   A H5     1 
ATOM   190 H H6     . C   A 1 6  ? -3.329 0.492   5.586   1.00 0.00 ? 32 C   A H6     1 
ATOM   191 P P      . U   A 1 7  ? -7.837 -1.852  7.822   1.00 0.00 ? 33 U   A P      1 
ATOM   192 O OP1    . U   A 1 7  ? -9.289 -2.029  8.049   1.00 0.00 ? 33 U   A OP1    1 
ATOM   193 O OP2    . U   A 1 7  ? -7.011 -1.175  8.846   1.00 0.00 ? 33 U   A OP2    1 
ATOM   194 O "O5'"  . U   A 1 7  ? -7.199 -3.297  7.535   1.00 0.00 ? 33 U   A "O5'"  1 
ATOM   195 C "C5'"  . U   A 1 7  ? -7.943 -4.330  6.919   1.00 0.00 ? 33 U   A "C5'"  1 
ATOM   196 C "C4'"  . U   A 1 7  ? -7.053 -5.570  6.827   1.00 0.00 ? 33 U   A "C4'"  1 
ATOM   197 O "O4'"  . U   A 1 7  ? -5.839 -5.201  6.208   1.00 0.00 ? 33 U   A "O4'"  1 
ATOM   198 C "C3'"  . U   A 1 7  ? -6.652 -6.115  8.193   1.00 0.00 ? 33 U   A "C3'"  1 
ATOM   199 O "O3'"  . U   A 1 7  ? -7.624 -6.958  8.780   1.00 0.00 ? 33 U   A "O3'"  1 
ATOM   200 C "C2'"  . U   A 1 7  ? -5.351 -6.825  7.861   1.00 0.00 ? 33 U   A "C2'"  1 
ATOM   201 O "O2'"  . U   A 1 7  ? -5.650 -8.153  7.546   1.00 0.00 ? 33 U   A "O2'"  1 
ATOM   202 C "C1'"  . U   A 1 7  ? -4.852 -6.141  6.588   1.00 0.00 ? 33 U   A "C1'"  1 
ATOM   203 N N1     . U   A 1 7  ? -3.614 -5.400  6.942   1.00 0.00 ? 33 U   A N1     1 
ATOM   204 C C2     . U   A 1 7  ? -2.379 -5.975  6.672   1.00 0.00 ? 33 U   A C2     1 
ATOM   205 O O2     . U   A 1 7  ? -2.250 -7.046  6.083   1.00 0.00 ? 33 U   A O2     1 
ATOM   206 N N3     . U   A 1 7  ? -1.266 -5.275  7.118   1.00 0.00 ? 33 U   A N3     1 
ATOM   207 C C4     . U   A 1 7  ? -1.275 -4.086  7.831   1.00 0.00 ? 33 U   A C4     1 
ATOM   208 O O4     . U   A 1 7  ? -0.224 -3.555  8.183   1.00 0.00 ? 33 U   A O4     1 
ATOM   209 C C5     . U   A 1 7  ? -2.599 -3.579  8.099   1.00 0.00 ? 33 U   A C5     1 
ATOM   210 C C6     . U   A 1 7  ? -3.693 -4.231  7.655   1.00 0.00 ? 33 U   A C6     1 
ATOM   211 H "H5'"  . U   A 1 7  ? -8.238 -4.016  5.918   1.00 0.00 ? 33 U   A "H5'"  1 
ATOM   212 H "H5''" . U   A 1 7  ? -8.831 -4.555  7.510   1.00 0.00 ? 33 U   A "H5''" 1 
ATOM   213 H "H4'"  . U   A 1 7  ? -7.523 -6.376  6.260   1.00 0.00 ? 33 U   A "H4'"  1 
ATOM   214 H "H3'"  . U   A 1 7  ? -6.421 -5.297  8.871   1.00 0.00 ? 33 U   A "H3'"  1 
ATOM   215 H "H2'"  . U   A 1 7  ? -4.631 -6.823  8.667   1.00 0.00 ? 33 U   A "H2'"  1 
ATOM   216 H "HO2'" . U   A 1 7  ? -6.287 -8.160  6.827   1.00 0.00 ? 33 U   A "HO2'" 1 
ATOM   217 H "H1'"  . U   A 1 7  ? -4.718 -6.859  5.781   1.00 0.00 ? 33 U   A "H1'"  1 
ATOM   218 H H3     . U   A 1 7  ? -0.362 -5.677  6.915   1.00 0.00 ? 33 U   A H3     1 
ATOM   219 H H5     . U   A 1 7  ? -2.737 -2.675  8.676   1.00 0.00 ? 33 U   A H5     1 
ATOM   220 H H6     . U   A 1 7  ? -4.648 -3.795  7.898   1.00 0.00 ? 33 U   A H6     1 
ATOM   221 P P      . U   A 1 8  ? -7.436 -7.526  10.285  1.00 0.00 ? 34 U   A P      1 
ATOM   222 O OP1    . U   A 1 8  ? -8.780 -7.798  10.839  1.00 0.00 ? 34 U   A OP1    1 
ATOM   223 O OP2    . U   A 1 8  ? -6.510 -6.634  11.020  1.00 0.00 ? 34 U   A OP2    1 
ATOM   224 O "O5'"  . U   A 1 8  ? -6.699 -8.941  10.081  1.00 0.00 ? 34 U   A "O5'"  1 
ATOM   225 C "C5'"  . U   A 1 8  ? -7.448 -10.136 10.095  1.00 0.00 ? 34 U   A "C5'"  1 
ATOM   226 C "C4'"  . U   A 1 8  ? -6.655 -11.418 9.800   1.00 0.00 ? 34 U   A "C4'"  1 
ATOM   227 O "O4'"  . U   A 1 8  ? -7.152 -11.919 8.582   1.00 0.00 ? 34 U   A "O4'"  1 
ATOM   228 C "C3'"  . U   A 1 8  ? -5.126 -11.346 9.652   1.00 0.00 ? 34 U   A "C3'"  1 
ATOM   229 O "O3'"  . U   A 1 8  ? -4.487 -11.916 10.780  1.00 0.00 ? 34 U   A "O3'"  1 
ATOM   230 C "C2'"  . U   A 1 8  ? -4.815 -12.171 8.413   1.00 0.00 ? 34 U   A "C2'"  1 
ATOM   231 O "O2'"  . U   A 1 8  ? -4.007 -13.263 8.776   1.00 0.00 ? 34 U   A "O2'"  1 
ATOM   232 C "C1'"  . U   A 1 8  ? -6.167 -12.719 7.971   1.00 0.00 ? 34 U   A "C1'"  1 
ATOM   233 N N1     . U   A 1 8  ? -6.331 -12.504 6.514   1.00 0.00 ? 34 U   A N1     1 
ATOM   234 C C2     . U   A 1 8  ? -6.449 -13.595 5.662   1.00 0.00 ? 34 U   A C2     1 
ATOM   235 O O2     . U   A 1 8  ? -6.342 -14.761 6.038   1.00 0.00 ? 34 U   A O2     1 
ATOM   236 N N3     . U   A 1 8  ? -6.699 -13.302 4.329   1.00 0.00 ? 34 U   A N3     1 
ATOM   237 C C4     . U   A 1 8  ? -6.837 -12.035 3.783   1.00 0.00 ? 34 U   A C4     1 
ATOM   238 O O4     . U   A 1 8  ? -7.071 -11.891 2.584   1.00 0.00 ? 34 U   A O4     1 
ATOM   239 C C5     . U   A 1 8  ? -6.677 -10.964 4.737   1.00 0.00 ? 34 U   A C5     1 
ATOM   240 C C6     . U   A 1 8  ? -6.438 -11.223 6.040   1.00 0.00 ? 34 U   A C6     1 
ATOM   241 H "H5'"  . U   A 1 8  ? -8.249 -10.053 9.359   1.00 0.00 ? 34 U   A "H5'"  1 
ATOM   242 H "H5''" . U   A 1 8  ? -7.900 -10.236 11.081  1.00 0.00 ? 34 U   A "H5''" 1 
ATOM   243 H "H4'"  . U   A 1 8  ? -6.880 -12.158 10.567  1.00 0.00 ? 34 U   A "H4'"  1 
ATOM   244 H "H3'"  . U   A 1 8  ? -4.783 -10.348 9.395   1.00 0.00 ? 34 U   A "H3'"  1 
ATOM   245 H "H2'"  . U   A 1 8  ? -4.293 -11.567 7.672   1.00 0.00 ? 34 U   A "H2'"  1 
ATOM   246 H "HO2'" . U   A 1 8  ? -4.467 -13.773 9.448   1.00 0.00 ? 34 U   A "HO2'" 1 
ATOM   247 H "H1'"  . U   A 1 8  ? -6.278 -13.749 8.310   1.00 0.00 ? 34 U   A "H1'"  1 
ATOM   248 H H3     . U   A 1 8  ? -6.793 -14.084 3.698   1.00 0.00 ? 34 U   A H3     1 
ATOM   249 H H5     . U   A 1 8  ? -6.759 -9.940  4.405   1.00 0.00 ? 34 U   A H5     1 
ATOM   250 H H6     . U   A 1 8  ? -6.295 -10.393 6.730   1.00 0.00 ? 34 U   A H6     1 
ATOM   251 P P      . U   A 1 9  ? -3.168 -11.251 11.445  1.00 0.00 ? 35 U   A P      1 
ATOM   252 O OP1    . U   A 1 9  ? -2.957 -11.901 12.758  1.00 0.00 ? 35 U   A OP1    1 
ATOM   253 O OP2    . U   A 1 9  ? -3.307 -9.779  11.383  1.00 0.00 ? 35 U   A OP2    1 
ATOM   254 O "O5'"  . U   A 1 9  ? -1.944 -11.677 10.478  1.00 0.00 ? 35 U   A "O5'"  1 
ATOM   255 C "C5'"  . U   A 1 9  ? -1.315 -12.935 10.617  1.00 0.00 ? 35 U   A "C5'"  1 
ATOM   256 C "C4'"  . U   A 1 9  ? -0.104 -13.037 9.688   1.00 0.00 ? 35 U   A "C4'"  1 
ATOM   257 O "O4'"  . U   A 1 9  ? 0.405  -14.352 9.781   1.00 0.00 ? 35 U   A "O4'"  1 
ATOM   258 C "C3'"  . U   A 1 9  ? -0.447 -12.774 8.222   1.00 0.00 ? 35 U   A "C3'"  1 
ATOM   259 O "O3'"  . U   A 1 9  ? 0.209  -11.601 7.769   1.00 0.00 ? 35 U   A "O3'"  1 
ATOM   260 C "C2'"  . U   A 1 9  ? 0.008  -14.012 7.478   1.00 0.00 ? 35 U   A "C2'"  1 
ATOM   261 O "O2'"  . U   A 1 9  ? 0.956  -13.639 6.513   1.00 0.00 ? 35 U   A "O2'"  1 
ATOM   262 C "C1'"  . U   A 1 9  ? 0.789  -14.814 8.502   1.00 0.00 ? 35 U   A "C1'"  1 
ATOM   263 N N1     . U   A 1 9  ? 0.370  -16.236 8.453   1.00 0.00 ? 35 U   A N1     1 
ATOM   264 C C2     . U   A 1 9  ? 1.303  -17.225 8.168   1.00 0.00 ? 35 U   A C2     1 
ATOM   265 O O2     . U   A 1 9  ? 2.459  -16.985 7.827   1.00 0.00 ? 35 U   A O2     1 
ATOM   266 N N3     . U   A 1 9  ? 0.860  -18.533 8.295   1.00 0.00 ? 35 U   A N3     1 
ATOM   267 C C4     . U   A 1 9  ? -0.408 -18.936 8.685   1.00 0.00 ? 35 U   A C4     1 
ATOM   268 O O4     . U   A 1 9  ? -0.684 -20.129 8.781   1.00 0.00 ? 35 U   A O4     1 
ATOM   269 C C5     . U   A 1 9  ? -1.317 -17.845 8.946   1.00 0.00 ? 35 U   A C5     1 
ATOM   270 C C6     . U   A 1 9  ? -0.911 -16.560 8.822   1.00 0.00 ? 35 U   A C6     1 
ATOM   271 H "H5'"  . U   A 1 9  ? -2.032 -13.726 10.409  1.00 0.00 ? 35 U   A "H5'"  1 
ATOM   272 H "H5''" . U   A 1 9  ? -0.958 -13.051 11.641  1.00 0.00 ? 35 U   A "H5''" 1 
ATOM   273 H "H4'"  . U   A 1 9  ? 0.666  -12.331 9.997   1.00 0.00 ? 35 U   A "H4'"  1 
ATOM   274 H "H3'"  . U   A 1 9  ? -1.528 -12.779 8.116   1.00 0.00 ? 35 U   A "H3'"  1 
ATOM   275 H "H2'"  . U   A 1 9  ? -0.833 -14.513 7.007   1.00 0.00 ? 35 U   A "H2'"  1 
ATOM   276 H "HO2'" . U   A 1 9  ? 1.621  -13.087 6.933   1.00 0.00 ? 35 U   A "HO2'" 1 
ATOM   277 H "H1'"  . U   A 1 9  ? 1.843  -14.628 8.304   1.00 0.00 ? 35 U   A "H1'"  1 
ATOM   278 H H3     . U   A 1 9  ? 1.529  -19.263 8.093   1.00 0.00 ? 35 U   A H3     1 
ATOM   279 H H5     . U   A 1 9  ? -2.327 -18.074 9.261   1.00 0.00 ? 35 U   A H5     1 
ATOM   280 H H6     . U   A 1 9  ? -1.613 -15.749 9.000   1.00 0.00 ? 35 U   A H6     1 
ATOM   281 P P      . U   A 1 10 ? -0.272 -10.785 6.452   1.00 0.00 ? 36 U   A P      1 
ATOM   282 O OP1    . U   A 1 10 ? 0.050  -9.356  6.662   1.00 0.00 ? 36 U   A OP1    1 
ATOM   283 O OP2    . U   A 1 10 ? -1.664 -11.179 6.136   1.00 0.00 ? 36 U   A OP2    1 
ATOM   284 O "O5'"  . U   A 1 10 ? 0.674  -11.324 5.266   1.00 0.00 ? 36 U   A "O5'"  1 
ATOM   285 C "C5'"  . U   A 1 10 ? 2.016  -10.901 5.157   1.00 0.00 ? 36 U   A "C5'"  1 
ATOM   286 C "C4'"  . U   A 1 10 ? 2.753  -11.740 4.111   1.00 0.00 ? 36 U   A "C4'"  1 
ATOM   287 O "O4'"  . U   A 1 10 ? 2.658  -13.097 4.472   1.00 0.00 ? 36 U   A "O4'"  1 
ATOM   288 C "C3'"  . U   A 1 10 ? 2.180  -11.607 2.700   1.00 0.00 ? 36 U   A "C3'"  1 
ATOM   289 O "O3'"  . U   A 1 10 ? 2.981  -10.782 1.881   1.00 0.00 ? 36 U   A "O3'"  1 
ATOM   290 C "C2'"  . U   A 1 10 ? 2.199  -13.030 2.158   1.00 0.00 ? 36 U   A "C2'"  1 
ATOM   291 O "O2'"  . U   A 1 10 ? 3.107  -13.103 1.082   1.00 0.00 ? 36 U   A "O2'"  1 
ATOM   292 C "C1'"  . U   A 1 10 ? 2.764  -13.875 3.300   1.00 0.00 ? 36 U   A "C1'"  1 
ATOM   293 N N1     . U   A 1 10 ? 1.912  -15.071 3.499   1.00 0.00 ? 36 U   A N1     1 
ATOM   294 C C2     . U   A 1 10 ? 2.424  -16.338 3.248   1.00 0.00 ? 36 U   A C2     1 
ATOM   295 O O2     . U   A 1 10 ? 3.562  -16.536 2.825   1.00 0.00 ? 36 U   A O2     1 
ATOM   296 N N3     . U   A 1 10 ? 1.568  -17.401 3.500   1.00 0.00 ? 36 U   A N3     1 
ATOM   297 C C4     . U   A 1 10 ? 0.265  -17.311 3.964   1.00 0.00 ? 36 U   A C4     1 
ATOM   298 O O4     . U   A 1 10 ? -0.403 -18.325 4.157   1.00 0.00 ? 36 U   A O4     1 
ATOM   299 C C5     . U   A 1 10 ? -0.189 -15.958 4.176   1.00 0.00 ? 36 U   A C5     1 
ATOM   300 C C6     . U   A 1 10 ? 0.628  -14.908 3.949   1.00 0.00 ? 36 U   A C6     1 
ATOM   301 H "H5'"  . U   A 1 10 ? 2.508  -11.034 6.121   1.00 0.00 ? 36 U   A "H5'"  1 
ATOM   302 H "H5''" . U   A 1 10 ? 2.050  -9.847  4.879   1.00 0.00 ? 36 U   A "H5''" 1 
ATOM   303 H "H4'"  . U   A 1 10 ? 3.807  -11.462 4.082   1.00 0.00 ? 36 U   A "H4'"  1 
ATOM   304 H "H3'"  . U   A 1 10 ? 1.135  -11.300 2.734   1.00 0.00 ? 36 U   A "H3'"  1 
ATOM   305 H "H2'"  . U   A 1 10 ? 1.206  -13.322 1.821   1.00 0.00 ? 36 U   A "H2'"  1 
ATOM   306 H "HO2'" . U   A 1 10 ? 3.970  -12.821 1.391   1.00 0.00 ? 36 U   A "HO2'" 1 
ATOM   307 H "H1'"  . U   A 1 10 ? 3.817  -14.080 3.112   1.00 0.00 ? 36 U   A "H1'"  1 
ATOM   308 H H3     . U   A 1 10 ? 1.929  -18.328 3.328   1.00 0.00 ? 36 U   A H3     1 
ATOM   309 H H5     . U   A 1 10 ? -1.198 -15.783 4.522   1.00 0.00 ? 36 U   A H5     1 
ATOM   310 H H6     . U   A 1 10 ? 0.253  -13.899 4.093   1.00 0.00 ? 36 U   A H6     1 
ATOM   311 P P      . A   A 1 11 ? 2.378  -9.457  1.183   1.00 0.00 ? 37 A   A P      1 
ATOM   312 O OP1    . A   A 1 11 ? 3.359  -8.984  0.181   1.00 0.00 ? 37 A   A OP1    1 
ATOM   313 O OP2    . A   A 1 11 ? 1.939  -8.543  2.260   1.00 0.00 ? 37 A   A OP2    1 
ATOM   314 O "O5'"  . A   A 1 11 ? 1.062  -9.951  0.394   1.00 0.00 ? 37 A   A "O5'"  1 
ATOM   315 C "C5'"  . A   A 1 11 ? 1.151  -10.764 -0.755  1.00 0.00 ? 37 A   A "C5'"  1 
ATOM   316 C "C4'"  . A   A 1 11 ? -0.246 -10.922 -1.350  1.00 0.00 ? 37 A   A "C4'"  1 
ATOM   317 O "O4'"  . A   A 1 11 ? -1.157 -11.348 -0.349  1.00 0.00 ? 37 A   A "O4'"  1 
ATOM   318 C "C3'"  . A   A 1 11 ? -0.755 -9.607  -1.939  1.00 0.00 ? 37 A   A "C3'"  1 
ATOM   319 O "O3'"  . A   A 1 11 ? -0.428 -9.596  -3.322  1.00 0.00 ? 37 A   A "O3'"  1 
ATOM   320 C "C2'"  . A   A 1 11 ? -2.232 -9.725  -1.676  1.00 0.00 ? 37 A   A "C2'"  1 
ATOM   321 O "O2'"  . A   A 1 11 ? -2.944 -10.049 -2.843  1.00 0.00 ? 37 A   A "O2'"  1 
ATOM   322 C "C1'"  . A   A 1 11 ? -2.426 -10.780 -0.615  1.00 0.00 ? 37 A   A "C1'"  1 
ATOM   323 N N9     . A   A 1 11 ? -3.026 -10.146 0.560   1.00 0.00 ? 37 A   A N9     1 
ATOM   324 C C8     . A   A 1 11 ? -2.420 -9.721  1.698   1.00 0.00 ? 37 A   A C8     1 
ATOM   325 N N7     . A   A 1 11 ? -3.204 -9.055  2.504   1.00 0.00 ? 37 A   A N7     1 
ATOM   326 C C5     . A   A 1 11 ? -4.425 -9.034  1.828   1.00 0.00 ? 37 A   A C5     1 
ATOM   327 C C6     . A   A 1 11 ? -5.664 -8.426  2.089   1.00 0.00 ? 37 A   A C6     1 
ATOM   328 N N6     . A   A 1 11 ? -5.908 -7.690  3.182   1.00 0.00 ? 37 A   A N6     1 
ATOM   329 N N1     . A   A 1 11 ? -6.627 -8.564  1.163   1.00 0.00 ? 37 A   A N1     1 
ATOM   330 C C2     . A   A 1 11 ? -6.375 -9.261  0.064   1.00 0.00 ? 37 A   A C2     1 
ATOM   331 N N3     . A   A 1 11 ? -5.267 -9.879  -0.298  1.00 0.00 ? 37 A   A N3     1 
ATOM   332 C C4     . A   A 1 11 ? -4.323 -9.721  0.652   1.00 0.00 ? 37 A   A C4     1 
ATOM   333 H "H5'"  . A   A 1 11 ? 1.538  -11.744 -0.483  1.00 0.00 ? 37 A   A "H5'"  1 
ATOM   334 H "H5''" . A   A 1 11 ? 1.810  -10.302 -1.489  1.00 0.00 ? 37 A   A "H5''" 1 
ATOM   335 H "H4'"  . A   A 1 11 ? -0.231 -11.666 -2.145  1.00 0.00 ? 37 A   A "H4'"  1 
ATOM   336 H "H3'"  . A   A 1 11 ? -0.440 -8.696  -1.430  1.00 0.00 ? 37 A   A "H3'"  1 
ATOM   337 H "H2'"  . A   A 1 11 ? -2.516 -8.814  -1.164  1.00 0.00 ? 37 A   A "H2'"  1 
ATOM   338 H "HO2'" . A   A 1 11 ? -3.875 -10.123 -2.622  1.00 0.00 ? 37 A   A "HO2'" 1 
ATOM   339 H "H1'"  . A   A 1 11 ? -3.161 -11.481 -0.982  1.00 0.00 ? 37 A   A "H1'"  1 
ATOM   340 H H8     . A   A 1 11 ? -1.378 -9.928  1.845   1.00 0.00 ? 37 A   A H8     1 
ATOM   341 H H61    . A   A 1 11 ? -6.813 -7.261  3.310   1.00 0.00 ? 37 A   A H61    1 
ATOM   342 H H62    . A   A 1 11 ? -5.185 -7.563  3.875   1.00 0.00 ? 37 A   A H62    1 
ATOM   343 H H2     . A   A 1 11 ? -7.163 -9.330  -0.667  1.00 0.00 ? 37 A   A H2     1 
ATOM   344 P P      . A   A 1 12 ? -0.547 -8.276  -4.253  1.00 0.00 ? 38 A   A P      1 
ATOM   345 O OP1    . A   A 1 12 ? 0.165  -8.547  -5.522  1.00 0.00 ? 38 A   A OP1    1 
ATOM   346 O OP2    . A   A 1 12 ? -0.169 -7.097  -3.440  1.00 0.00 ? 38 A   A OP2    1 
ATOM   347 O "O5'"  . A   A 1 12 ? -2.111 -8.139  -4.589  1.00 0.00 ? 38 A   A "O5'"  1 
ATOM   348 C "C5'"  . A   A 1 12 ? -2.759 -8.852  -5.618  1.00 0.00 ? 38 A   A "C5'"  1 
ATOM   349 C "C4'"  . A   A 1 12 ? -4.248 -8.483  -5.566  1.00 0.00 ? 38 A   A "C4'"  1 
ATOM   350 O "O4'"  . A   A 1 12 ? -4.755 -8.725  -4.260  1.00 0.00 ? 38 A   A "O4'"  1 
ATOM   351 C "C3'"  . A   A 1 12 ? -4.538 -7.007  -5.831  1.00 0.00 ? 38 A   A "C3'"  1 
ATOM   352 O "O3'"  . A   A 1 12 ? -4.620 -6.627  -7.190  1.00 0.00 ? 38 A   A "O3'"  1 
ATOM   353 C "C2'"  . A   A 1 12 ? -5.900 -6.891  -5.183  1.00 0.00 ? 38 A   A "C2'"  1 
ATOM   354 O "O2'"  . A   A 1 12 ? -6.904 -7.403  -6.029  1.00 0.00 ? 38 A   A "O2'"  1 
ATOM   355 C "C1'"  . A   A 1 12 ? -5.771 -7.782  -3.951  1.00 0.00 ? 38 A   A "C1'"  1 
ATOM   356 N N9     . A   A 1 12 ? -5.384 -6.893  -2.840  1.00 0.00 ? 38 A   A N9     1 
ATOM   357 C C8     . A   A 1 12 ? -4.142 -6.577  -2.358  1.00 0.00 ? 38 A   A C8     1 
ATOM   358 N N7     . A   A 1 12 ? -4.144 -5.678  -1.413  1.00 0.00 ? 38 A   A N7     1 
ATOM   359 C C5     . A   A 1 12 ? -5.487 -5.342  -1.285  1.00 0.00 ? 38 A   A C5     1 
ATOM   360 C C6     . A   A 1 12 ? -6.163 -4.399  -0.493  1.00 0.00 ? 38 A   A C6     1 
ATOM   361 N N6     . A   A 1 12 ? -5.564 -3.613  0.411   1.00 0.00 ? 38 A   A N6     1 
ATOM   362 N N1     . A   A 1 12 ? -7.477 -4.283  -0.712  1.00 0.00 ? 38 A   A N1     1 
ATOM   363 C C2     . A   A 1 12 ? -8.091 -5.030  -1.614  1.00 0.00 ? 38 A   A C2     1 
ATOM   364 N N3     . A   A 1 12 ? -7.573 -5.960  -2.395  1.00 0.00 ? 38 A   A N3     1 
ATOM   365 C C4     . A   A 1 12 ? -6.244 -6.063  -2.169  1.00 0.00 ? 38 A   A C4     1 
ATOM   366 H "H5'"  . A   A 1 12 ? -2.641 -9.923  -5.452  1.00 0.00 ? 38 A   A "H5'"  1 
ATOM   367 H "H5''" . A   A 1 12 ? -2.339 -8.580  -6.586  1.00 0.00 ? 38 A   A "H5''" 1 
ATOM   368 H "H4'"  . A   A 1 12 ? -4.803 -9.086  -6.284  1.00 0.00 ? 38 A   A "H4'"  1 
ATOM   369 H "H3'"  . A   A 1 12 ? -3.831 -6.368  -5.302  1.00 0.00 ? 38 A   A "H3'"  1 
ATOM   370 H "H2'"  . A   A 1 12 ? -6.050 -5.849  -4.926  1.00 0.00 ? 38 A   A "H2'"  1 
ATOM   371 H "HO2'" . A   A 1 12 ? -6.733 -8.334  -6.185  1.00 0.00 ? 38 A   A "HO2'" 1 
ATOM   372 H "H1'"  . A   A 1 12 ? -6.703 -8.295  -3.674  1.00 0.00 ? 38 A   A "H1'"  1 
ATOM   373 H H8     . A   A 1 12 ? -3.245 -7.018  -2.744  1.00 0.00 ? 38 A   A H8     1 
ATOM   374 H H61    . A   A 1 12 ? -6.108 -2.943  0.938   1.00 0.00 ? 38 A   A H61    1 
ATOM   375 H H62    . A   A 1 12 ? -4.569 -3.688  0.567   1.00 0.00 ? 38 A   A H62    1 
ATOM   376 H H2     . A   A 1 12 ? -9.142 -4.855  -1.756  1.00 0.00 ? 38 A   A H2     1 
HETATM 377 N N1     . PSU A 1 13 ? -3.219 -2.911  -3.195  1.00 0.00 ? 39 PSU A N1     1 
HETATM 378 C C2     . PSU A 1 13 ? -2.936 -2.017  -2.183  1.00 0.00 ? 39 PSU A C2     1 
HETATM 379 N N3     . PSU A 1 13 ? -4.019 -1.315  -1.677  1.00 0.00 ? 39 PSU A N3     1 
HETATM 380 C C4     . PSU A 1 13 ? -5.334 -1.419  -2.106  1.00 0.00 ? 39 PSU A C4     1 
HETATM 381 C C5     . PSU A 1 13 ? -5.545 -2.374  -3.177  1.00 0.00 ? 39 PSU A C5     1 
HETATM 382 C C6     . PSU A 1 13 ? -4.492 -3.079  -3.660  1.00 0.00 ? 39 PSU A C6     1 
HETATM 383 O O2     . PSU A 1 13 ? -1.796 -1.850  -1.754  1.00 0.00 ? 39 PSU A O2     1 
HETATM 384 O O4     . PSU A 1 13 ? -6.209 -0.726  -1.588  1.00 0.00 ? 39 PSU A O4     1 
HETATM 385 C "C1'"  . PSU A 1 13 ? -6.950 -2.505  -3.765  1.00 0.00 ? 39 PSU A "C1'"  1 
HETATM 386 C "C2'"  . PSU A 1 13 ? -7.267 -1.268  -4.599  1.00 0.00 ? 39 PSU A "C2'"  1 
HETATM 387 O "O2'"  . PSU A 1 13 ? -8.655 -1.024  -4.531  1.00 0.00 ? 39 PSU A "O2'"  1 
HETATM 388 C "C3'"  . PSU A 1 13 ? -6.871 -1.701  -6.002  1.00 0.00 ? 39 PSU A "C3'"  1 
HETATM 389 C "C4'"  . PSU A 1 13 ? -7.365 -3.141  -5.976  1.00 0.00 ? 39 PSU A "C4'"  1 
HETATM 390 O "O3'"  . PSU A 1 13 ? -7.514 -0.928  -6.995  1.00 0.00 ? 39 PSU A "O3'"  1 
HETATM 391 O "O4'"  . PSU A 1 13 ? -7.099 -3.602  -4.657  1.00 0.00 ? 39 PSU A "O4'"  1 
HETATM 392 C "C5'"  . PSU A 1 13 ? -6.718 -4.035  -7.047  1.00 0.00 ? 39 PSU A "C5'"  1 
HETATM 393 O "O5'"  . PSU A 1 13 ? -5.339 -4.160  -6.781  1.00 0.00 ? 39 PSU A "O5'"  1 
HETATM 394 P P      . PSU A 1 13 ? -4.334 -5.095  -7.637  1.00 0.00 ? 39 PSU A P      1 
HETATM 395 O OP1    . PSU A 1 13 ? -4.692 -4.960  -9.066  1.00 0.00 ? 39 PSU A OP1    1 
HETATM 396 O OP2    . PSU A 1 13 ? -2.962 -4.760  -7.191  1.00 0.00 ? 39 PSU A OP2    1 
HETATM 397 H HN1    . PSU A 1 13 ? -2.469 -3.433  -3.632  1.00 0.00 ? 39 PSU A HN1    1 
HETATM 398 H HN3    . PSU A 1 13 ? -3.831 -0.658  -0.933  1.00 0.00 ? 39 PSU A HN3    1 
HETATM 399 H H6     . PSU A 1 13 ? -4.606 -3.820  -4.423  1.00 0.00 ? 39 PSU A H6     1 
HETATM 400 H "H1'"  . PSU A 1 13 ? -7.670 -2.613  -2.950  1.00 0.00 ? 39 PSU A "H1'"  1 
HETATM 401 H "H2'"  . PSU A 1 13 ? -6.703 -0.398  -4.279  1.00 0.00 ? 39 PSU A "H2'"  1 
HETATM 402 H "HO2'" . PSU A 1 13 ? -9.123 -1.850  -4.675  1.00 0.00 ? 39 PSU A "HO2'" 1 
HETATM 403 H "H3'"  . PSU A 1 13 ? -5.787 -1.674  -6.113  1.00 0.00 ? 39 PSU A "H3'"  1 
HETATM 404 H "H4'"  . PSU A 1 13 ? -8.443 -3.134  -6.130  1.00 0.00 ? 39 PSU A "H4'"  1 
HETATM 405 H "H5'"  . PSU A 1 13 ? -7.189 -5.015  -7.030  1.00 0.00 ? 39 PSU A "H5'"  1 
HETATM 406 H "H5''" . PSU A 1 13 ? -6.861 -3.587  -8.030  1.00 0.00 ? 39 PSU A "H5''" 1 
ATOM   407 P P      . C   A 1 14 ? -6.839 0.423   -7.567  1.00 0.00 ? 40 C   A P      1 
ATOM   408 O OP1    . C   A 1 14 ? -7.765 1.013   -8.560  1.00 0.00 ? 40 C   A OP1    1 
ATOM   409 O OP2    . C   A 1 14 ? -5.450 0.101   -7.967  1.00 0.00 ? 40 C   A OP2    1 
ATOM   410 O "O5'"  . C   A 1 14 ? -6.771 1.416   -6.301  1.00 0.00 ? 40 C   A "O5'"  1 
ATOM   411 C "C5'"  . C   A 1 14 ? -7.923 2.078   -5.831  1.00 0.00 ? 40 C   A "C5'"  1 
ATOM   412 C "C4'"  . C   A 1 14 ? -7.594 2.889   -4.577  1.00 0.00 ? 40 C   A "C4'"  1 
ATOM   413 O "O4'"  . C   A 1 14 ? -6.928 2.109   -3.601  1.00 0.00 ? 40 C   A "O4'"  1 
ATOM   414 C "C3'"  . C   A 1 14 ? -6.676 4.073   -4.843  1.00 0.00 ? 40 C   A "C3'"  1 
ATOM   415 O "O3'"  . C   A 1 14 ? -7.391 5.138   -5.437  1.00 0.00 ? 40 C   A "O3'"  1 
ATOM   416 C "C2'"  . C   A 1 14 ? -6.242 4.366   -3.415  1.00 0.00 ? 40 C   A "C2'"  1 
ATOM   417 O "O2'"  . C   A 1 14 ? -7.276 5.015   -2.708  1.00 0.00 ? 40 C   A "O2'"  1 
ATOM   418 C "C1'"  . C   A 1 14 ? -6.063 2.953   -2.852  1.00 0.00 ? 40 C   A "C1'"  1 
ATOM   419 N N1     . C   A 1 14 ? -4.633 2.544   -2.945  1.00 0.00 ? 40 C   A N1     1 
ATOM   420 C C2     . C   A 1 14 ? -3.761 3.111   -2.024  1.00 0.00 ? 40 C   A C2     1 
ATOM   421 O O2     . C   A 1 14 ? -4.160 3.942   -1.211  1.00 0.00 ? 40 C   A O2     1 
ATOM   422 N N3     . C   A 1 14 ? -2.457 2.731   -2.045  1.00 0.00 ? 40 C   A N3     1 
ATOM   423 C C4     . C   A 1 14 ? -2.002 1.848   -2.939  1.00 0.00 ? 40 C   A C4     1 
ATOM   424 N N4     . C   A 1 14 ? -0.708 1.502   -2.913  1.00 0.00 ? 40 C   A N4     1 
ATOM   425 C C5     . C   A 1 14 ? -2.872 1.281   -3.921  1.00 0.00 ? 40 C   A C5     1 
ATOM   426 C C6     . C   A 1 14 ? -4.167 1.657   -3.883  1.00 0.00 ? 40 C   A C6     1 
ATOM   427 H "H5'"  . C   A 1 14 ? -8.692 1.346   -5.592  1.00 0.00 ? 40 C   A "H5'"  1 
ATOM   428 H "H5''" . C   A 1 14 ? -8.300 2.747   -6.605  1.00 0.00 ? 40 C   A "H5''" 1 
ATOM   429 H "H4'"  . C   A 1 14 ? -8.527 3.259   -4.152  1.00 0.00 ? 40 C   A "H4'"  1 
ATOM   430 H "H3'"  . C   A 1 14 ? -5.805 3.781   -5.432  1.00 0.00 ? 40 C   A "H3'"  1 
ATOM   431 H "H2'"  . C   A 1 14 ? -5.329 4.955   -3.376  1.00 0.00 ? 40 C   A "H2'"  1 
ATOM   432 H "HO2'" . C   A 1 14 ? -7.455 5.856   -3.133  1.00 0.00 ? 40 C   A "HO2'" 1 
ATOM   433 H "H1'"  . C   A 1 14 ? -6.382 2.917   -1.808  1.00 0.00 ? 40 C   A "H1'"  1 
ATOM   434 H H41    . C   A 1 14 ? -0.091 1.906   -2.223  1.00 0.00 ? 40 C   A H41    1 
ATOM   435 H H42    . C   A 1 14 ? -0.348 0.839   -3.585  1.00 0.00 ? 40 C   A H42    1 
ATOM   436 H H5     . C   A 1 14 ? -2.540 0.579   -4.672  1.00 0.00 ? 40 C   A H5     1 
ATOM   437 H H6     . C   A 1 14 ? -4.809 1.228   -4.632  1.00 0.00 ? 40 C   A H6     1 
ATOM   438 P P      . U   A 1 15 ? -6.670 6.184   -6.432  1.00 0.00 ? 41 U   A P      1 
ATOM   439 O OP1    . U   A 1 15 ? -7.691 7.139   -6.917  1.00 0.00 ? 41 U   A OP1    1 
ATOM   440 O OP2    . U   A 1 15 ? -5.862 5.418   -7.407  1.00 0.00 ? 41 U   A OP2    1 
ATOM   441 O "O5'"  . U   A 1 15 ? -5.666 6.981   -5.463  1.00 0.00 ? 41 U   A "O5'"  1 
ATOM   442 C "C5'"  . U   A 1 15 ? -6.139 8.025   -4.645  1.00 0.00 ? 41 U   A "C5'"  1 
ATOM   443 C "C4'"  . U   A 1 15 ? -5.011 8.497   -3.732  1.00 0.00 ? 41 U   A "C4'"  1 
ATOM   444 O "O4'"  . U   A 1 15 ? -4.516 7.417   -2.969  1.00 0.00 ? 41 U   A "O4'"  1 
ATOM   445 C "C3'"  . U   A 1 15 ? -3.816 9.065   -4.491  1.00 0.00 ? 41 U   A "C3'"  1 
ATOM   446 O "O3'"  . U   A 1 15 ? -4.081 10.392  -4.911  1.00 0.00 ? 41 U   A "O3'"  1 
ATOM   447 C "C2'"  . U   A 1 15 ? -2.759 8.946   -3.407  1.00 0.00 ? 41 U   A "C2'"  1 
ATOM   448 O "O2'"  . U   A 1 15 ? -2.794 10.063  -2.550  1.00 0.00 ? 41 U   A "O2'"  1 
ATOM   449 C "C1'"  . U   A 1 15 ? -3.168 7.699   -2.633  1.00 0.00 ? 41 U   A "C1'"  1 
ATOM   450 N N1     . U   A 1 15 ? -2.238 6.603   -3.002  1.00 0.00 ? 41 U   A N1     1 
ATOM   451 C C2     . U   A 1 15 ? -1.029 6.514   -2.324  1.00 0.00 ? 41 U   A C2     1 
ATOM   452 O O2     . U   A 1 15 ? -0.709 7.284   -1.420  1.00 0.00 ? 41 U   A O2     1 
ATOM   453 N N3     . U   A 1 15 ? -0.170 5.505   -2.732  1.00 0.00 ? 41 U   A N3     1 
ATOM   454 C C4     . U   A 1 15 ? -0.389 4.614   -3.770  1.00 0.00 ? 41 U   A C4     1 
ATOM   455 O O4     . U   A 1 15 ? 0.440  3.747   -4.040  1.00 0.00 ? 41 U   A O4     1 
ATOM   456 C C5     . U   A 1 15 ? -1.633 4.829   -4.468  1.00 0.00 ? 41 U   A C5     1 
ATOM   457 C C6     . U   A 1 15 ? -2.492 5.794   -4.074  1.00 0.00 ? 41 U   A C6     1 
ATOM   458 H "H5'"  . U   A 1 15 ? -6.966 7.663   -4.035  1.00 0.00 ? 41 U   A "H5'"  1 
ATOM   459 H "H5''" . U   A 1 15 ? -6.482 8.853   -5.265  1.00 0.00 ? 41 U   A "H5''" 1 
ATOM   460 H "H4'"  . U   A 1 15 ? -5.381 9.264   -3.051  1.00 0.00 ? 41 U   A "H4'"  1 
ATOM   461 H "H3'"  . U   A 1 15 ? -3.516 8.437   -5.326  1.00 0.00 ? 41 U   A "H3'"  1 
ATOM   462 H "H2'"  . U   A 1 15 ? -1.781 8.770   -3.842  1.00 0.00 ? 41 U   A "H2'"  1 
ATOM   463 H "HO2'" . U   A 1 15 ? -3.679 10.142  -2.188  1.00 0.00 ? 41 U   A "HO2'" 1 
ATOM   464 H "H1'"  . U   A 1 15 ? -3.136 7.887   -1.568  1.00 0.00 ? 41 U   A "H1'"  1 
ATOM   465 H H3     . U   A 1 15 ? 0.720  5.447   -2.255  1.00 0.00 ? 41 U   A H3     1 
ATOM   466 H H5     . U   A 1 15 ? -1.877 4.214   -5.322  1.00 0.00 ? 41 U   A H5     1 
ATOM   467 H H6     . U   A 1 15 ? -3.391 5.944   -4.645  1.00 0.00 ? 41 U   A H6     1 
ATOM   468 P P      . G   A 1 16 ? -3.190 11.140  -6.036  1.00 0.00 ? 42 G   A P      1 
ATOM   469 O OP1    . G   A 1 16 ? -3.900 12.378  -6.427  1.00 0.00 ? 42 G   A OP1    1 
ATOM   470 O OP2    . G   A 1 16 ? -2.814 10.154  -7.074  1.00 0.00 ? 42 G   A OP2    1 
ATOM   471 O "O5'"  . G   A 1 16 ? -1.859 11.570  -5.247  1.00 0.00 ? 42 G   A "O5'"  1 
ATOM   472 C "C5'"  . G   A 1 16 ? -1.890 12.631  -4.321  1.00 0.00 ? 42 G   A "C5'"  1 
ATOM   473 C "C4'"  . G   A 1 16 ? -0.552 12.694  -3.594  1.00 0.00 ? 42 G   A "C4'"  1 
ATOM   474 O "O4'"  . G   A 1 16 ? -0.144 11.400  -3.199  1.00 0.00 ? 42 G   A "O4'"  1 
ATOM   475 C "C3'"  . G   A 1 16 ? 0.584  13.241  -4.448  1.00 0.00 ? 42 G   A "C3'"  1 
ATOM   476 O "O3'"  . G   A 1 16 ? 0.534  14.648  -4.518  1.00 0.00 ? 42 G   A "O3'"  1 
ATOM   477 C "C2'"  . G   A 1 16 ? 1.766  12.747  -3.634  1.00 0.00 ? 42 G   A "C2'"  1 
ATOM   478 O "O2'"  . G   A 1 16 ? 1.941  13.557  -2.493  1.00 0.00 ? 42 G   A "O2'"  1 
ATOM   479 C "C1'"  . G   A 1 16 ? 1.272  11.368  -3.198  1.00 0.00 ? 42 G   A "C1'"  1 
ATOM   480 N N9     . G   A 1 16 ? 1.756  10.352  -4.149  1.00 0.00 ? 42 G   A N9     1 
ATOM   481 C C8     . G   A 1 16 ? 1.059  9.613   -5.070  1.00 0.00 ? 42 G   A C8     1 
ATOM   482 N N7     . G   A 1 16 ? 1.793  8.747   -5.712  1.00 0.00 ? 42 G   A N7     1 
ATOM   483 C C5     . G   A 1 16 ? 3.067  8.933   -5.186  1.00 0.00 ? 42 G   A C5     1 
ATOM   484 C C6     . G   A 1 16 ? 4.284  8.263   -5.483  1.00 0.00 ? 42 G   A C6     1 
ATOM   485 O O6     . G   A 1 16 ? 4.477  7.339   -6.272  1.00 0.00 ? 42 G   A O6     1 
ATOM   486 N N1     . G   A 1 16 ? 5.338  8.777   -4.740  1.00 0.00 ? 42 G   A N1     1 
ATOM   487 C C2     . G   A 1 16 ? 5.240  9.796   -3.816  1.00 0.00 ? 42 G   A C2     1 
ATOM   488 N N2     . G   A 1 16 ? 6.369  10.167  -3.197  1.00 0.00 ? 42 G   A N2     1 
ATOM   489 N N3     . G   A 1 16 ? 4.091  10.409  -3.518  1.00 0.00 ? 42 G   A N3     1 
ATOM   490 C C4     . G   A 1 16 ? 3.055  9.926   -4.241  1.00 0.00 ? 42 G   A C4     1 
ATOM   491 H "H5'"  . G   A 1 16 ? -2.683 12.452  -3.597  1.00 0.00 ? 42 G   A "H5'"  1 
ATOM   492 H "H5''" . G   A 1 16 ? -2.080 13.573  -4.835  1.00 0.00 ? 42 G   A "H5''" 1 
ATOM   493 H "H4'"  . G   A 1 16 ? -0.651 13.322  -2.710  1.00 0.00 ? 42 G   A "H4'"  1 
ATOM   494 H "H3'"  . G   A 1 16 ? 0.608  12.784  -5.440  1.00 0.00 ? 42 G   A "H3'"  1 
ATOM   495 H "H2'"  . G   A 1 16 ? 2.684  12.696  -4.220  1.00 0.00 ? 42 G   A "H2'"  1 
ATOM   496 H "HO2'" . G   A 1 16 ? 2.642  13.180  -1.957  1.00 0.00 ? 42 G   A "HO2'" 1 
ATOM   497 H "H1'"  . G   A 1 16 ? 1.644  11.119  -2.207  1.00 0.00 ? 42 G   A "H1'"  1 
ATOM   498 H H8     . G   A 1 16 ? 0.000  9.730   -5.244  1.00 0.00 ? 42 G   A H8     1 
ATOM   499 H H1     . G   A 1 16 ? 6.241  8.342   -4.877  1.00 0.00 ? 42 G   A H1     1 
ATOM   500 H H21    . G   A 1 16 ? 7.240  9.706   -3.418  1.00 0.00 ? 42 G   A H21    1 
ATOM   501 H H22    . G   A 1 16 ? 6.349  10.908  -2.511  1.00 0.00 ? 42 G   A H22    1 
ATOM   502 P P      . A   A 1 17 ? 1.246  15.433  -5.726  1.00 0.00 ? 43 A   A P      1 
ATOM   503 O OP1    . A   A 1 17 ? 1.123  16.885  -5.474  1.00 0.00 ? 43 A   A OP1    1 
ATOM   504 O OP2    . A   A 1 17 ? 0.745  14.863  -6.997  1.00 0.00 ? 43 A   A OP2    1 
ATOM   505 O "O5'"  . A   A 1 17 ? 2.794  15.021  -5.573  1.00 0.00 ? 43 A   A "O5'"  1 
ATOM   506 C "C5'"  . A   A 1 17 ? 3.644  15.677  -4.657  1.00 0.00 ? 43 A   A "C5'"  1 
ATOM   507 C "C4'"  . A   A 1 17 ? 5.075  15.170  -4.834  1.00 0.00 ? 43 A   A "C4'"  1 
ATOM   508 O "O4'"  . A   A 1 17 ? 5.160  13.778  -4.601  1.00 0.00 ? 43 A   A "O4'"  1 
ATOM   509 C "C3'"  . A   A 1 17 ? 5.617  15.398  -6.242  1.00 0.00 ? 43 A   A "C3'"  1 
ATOM   510 O "O3'"  . A   A 1 17 ? 6.127  16.702  -6.407  1.00 0.00 ? 43 A   A "O3'"  1 
ATOM   511 C "C2'"  . A   A 1 17 ? 6.722  14.362  -6.306  1.00 0.00 ? 43 A   A "C2'"  1 
ATOM   512 O "O2'"  . A   A 1 17 ? 7.928  14.906  -5.820  1.00 0.00 ? 43 A   A "O2'"  1 
ATOM   513 C "C1'"  . A   A 1 17 ? 6.236  13.264  -5.368  1.00 0.00 ? 43 A   A "C1'"  1 
ATOM   514 N N9     . A   A 1 17 ? 5.796  12.135  -6.183  1.00 0.00 ? 43 A   A N9     1 
ATOM   515 C C8     . A   A 1 17 ? 4.602  11.903  -6.792  1.00 0.00 ? 43 A   A C8     1 
ATOM   516 N N7     . A   A 1 17 ? 4.562  10.781  -7.464  1.00 0.00 ? 43 A   A N7     1 
ATOM   517 C C5     . A   A 1 17 ? 5.834  10.236  -7.273  1.00 0.00 ? 43 A   A C5     1 
ATOM   518 C C6     . A   A 1 17 ? 6.472  9.058   -7.702  1.00 0.00 ? 43 A   A C6     1 
ATOM   519 N N6     . A   A 1 17 ? 5.899  8.144   -8.500  1.00 0.00 ? 43 A   A N6     1 
ATOM   520 N N1     . A   A 1 17 ? 7.736  8.863   -7.284  1.00 0.00 ? 43 A   A N1     1 
ATOM   521 C C2     . A   A 1 17 ? 8.326  9.782   -6.531  1.00 0.00 ? 43 A   A C2     1 
ATOM   522 N N3     . A   A 1 17 ? 7.853  10.916  -6.096  1.00 0.00 ? 43 A   A N3     1 
ATOM   523 C C4     . A   A 1 17 ? 6.582  11.073  -6.500  1.00 0.00 ? 43 A   A C4     1 
ATOM   524 H "H5'"  . A   A 1 17 ? 3.308  15.484  -3.638  1.00 0.00 ? 43 A   A "H5'"  1 
ATOM   525 H "H5''" . A   A 1 17 ? 3.624  16.750  -4.848  1.00 0.00 ? 43 A   A "H5''" 1 
ATOM   526 H "H4'"  . A   A 1 17 ? 5.736  15.676  -4.129  1.00 0.00 ? 43 A   A "H4'"  1 
ATOM   527 H "H3'"  . A   A 1 17 ? 4.885  15.168  -7.015  1.00 0.00 ? 43 A   A "H3'"  1 
ATOM   528 H "HO3'" . A   A 1 17 ? 5.404  17.326  -6.319  1.00 0.00 ? 43 A   A "HO3'" 1 
ATOM   529 H "H2'"  . A   A 1 17 ? 6.814  13.965  -7.318  1.00 0.00 ? 43 A   A "H2'"  1 
ATOM   530 H "HO2'" . A   A 1 17 ? 7.778  15.228  -4.928  1.00 0.00 ? 43 A   A "HO2'" 1 
ATOM   531 H "H1'"  . A   A 1 17 ? 7.053  12.875  -4.763  1.00 0.00 ? 43 A   A "H1'"  1 
ATOM   532 H H8     . A   A 1 17 ? 3.810  12.623  -6.689  1.00 0.00 ? 43 A   A H8     1 
ATOM   533 H H61    . A   A 1 17 ? 6.424  7.339   -8.818  1.00 0.00 ? 43 A   A H61    1 
ATOM   534 H H62    . A   A 1 17 ? 4.948  8.278   -8.813  1.00 0.00 ? 43 A   A H62    1 
ATOM   535 H H2     . A   A 1 17 ? 9.332  9.658   -6.180  1.00 0.00 ? 43 A   A H2     1 
# 
